data_2LK0
#
_entry.id   2LK0
#
loop_
_entity.id
_entity.type
_entity.pdbx_description
1 polymer 'RNA-binding protein 5'
2 non-polymer 'ZINC ION'
#
_entity_poly.entity_id   1
_entity_poly.type   'polypeptide(L)'
_entity_poly.pdbx_seq_one_letter_code
;(ACE)KFEDWLCNKCCLNNFRKRLKCFRCGADKFD(NH2)
;
_entity_poly.pdbx_strand_id   A
#
loop_
_chem_comp.id
_chem_comp.type
_chem_comp.name
_chem_comp.formula
ACE non-polymer 'ACETYL GROUP' 'C2 H4 O'
NH2 non-polymer 'AMINO GROUP' 'H2 N'
ZN non-polymer 'ZINC ION' 'Zn 2'
#
# COMPACT_ATOMS: atom_id res chain seq x y z
C ACE A 1 7.50 2.39 11.87
O ACE A 1 6.31 2.12 11.82
CH3 ACE A 1 8.02 3.24 12.98
H1 ACE A 1 8.48 4.15 12.57
H2 ACE A 1 8.78 2.69 13.56
H3 ACE A 1 7.20 3.53 13.66
N LYS A 2 8.39 1.95 10.95
CA LYS A 2 7.95 1.17 9.80
C LYS A 2 8.30 -0.29 10.03
N PHE A 3 7.36 -1.11 10.53
CA PHE A 3 7.66 -2.52 10.76
C PHE A 3 7.41 -3.33 9.51
N GLU A 4 8.12 -3.02 8.41
CA GLU A 4 7.94 -3.82 7.19
C GLU A 4 6.57 -3.54 6.59
N ASP A 5 6.30 -2.28 6.20
CA ASP A 5 5.01 -1.92 5.59
C ASP A 5 5.19 -0.75 4.65
N TRP A 6 4.12 -0.31 3.95
CA TRP A 6 4.22 0.87 3.08
C TRP A 6 2.89 1.59 3.05
N LEU A 7 2.86 2.82 2.50
CA LEU A 7 1.63 3.61 2.48
C LEU A 7 1.21 3.93 1.06
N CYS A 8 -0.08 3.77 0.72
CA CYS A 8 -0.47 3.97 -0.66
C CYS A 8 -0.28 5.41 -1.08
N ASN A 9 0.05 5.65 -2.36
CA ASN A 9 0.25 7.01 -2.84
C ASN A 9 -1.03 7.61 -3.38
N LYS A 10 -2.20 7.11 -2.95
CA LYS A 10 -3.48 7.59 -3.46
C LYS A 10 -4.40 7.82 -2.28
N CYS A 11 -4.73 6.75 -1.54
CA CYS A 11 -5.57 6.92 -0.36
C CYS A 11 -4.76 7.05 0.91
N CYS A 12 -3.42 6.98 0.86
CA CYS A 12 -2.62 7.13 2.08
C CYS A 12 -2.79 5.99 3.07
N LEU A 13 -3.35 4.84 2.63
CA LEU A 13 -3.62 3.73 3.55
C LEU A 13 -2.37 2.90 3.71
N ASN A 14 -2.09 2.41 4.94
CA ASN A 14 -0.93 1.54 5.16
C ASN A 14 -1.16 0.15 4.64
N ASN A 15 -0.07 -0.63 4.39
CA ASN A 15 -0.25 -2.00 3.95
C ASN A 15 0.99 -2.82 4.17
N PHE A 16 0.81 -4.15 4.33
CA PHE A 16 1.95 -5.02 4.66
C PHE A 16 2.99 -4.99 3.57
N ARG A 17 4.29 -5.15 3.91
CA ARG A 17 5.32 -5.22 2.87
C ARG A 17 5.15 -6.40 1.97
N LYS A 18 4.61 -7.51 2.49
CA LYS A 18 4.32 -8.64 1.64
C LYS A 18 3.24 -8.31 0.62
N ARG A 19 2.37 -7.32 0.90
CA ARG A 19 1.29 -7.03 -0.04
C ARG A 19 1.85 -6.70 -1.40
N LEU A 20 0.95 -6.61 -2.39
CA LEU A 20 1.28 -6.25 -3.75
C LEU A 20 0.63 -4.94 -4.13
N LYS A 21 -0.61 -4.63 -3.71
CA LYS A 21 -1.23 -3.39 -4.15
C LYS A 21 -2.23 -3.00 -3.11
N CYS A 22 -2.62 -1.72 -3.14
CA CYS A 22 -3.50 -1.25 -2.09
C CYS A 22 -4.81 -1.98 -2.13
N PHE A 23 -5.26 -2.57 -1.01
CA PHE A 23 -6.51 -3.29 -1.01
C PHE A 23 -7.69 -2.33 -0.91
N ARG A 24 -7.45 -1.04 -0.62
CA ARG A 24 -8.53 -0.07 -0.48
C ARG A 24 -8.91 0.49 -1.84
N CYS A 25 -7.99 1.22 -2.51
CA CYS A 25 -8.32 1.77 -3.82
C CYS A 25 -8.02 0.75 -4.89
N GLY A 26 -7.21 -0.31 -4.62
CA GLY A 26 -6.89 -1.28 -5.66
C GLY A 26 -5.61 -0.92 -6.36
N ALA A 27 -5.11 0.33 -6.25
CA ALA A 27 -3.96 0.75 -7.03
C ALA A 27 -2.68 0.22 -6.41
N ASP A 28 -1.62 0.06 -7.22
CA ASP A 28 -0.38 -0.47 -6.68
C ASP A 28 0.38 0.58 -5.92
N LYS A 29 1.21 0.16 -4.93
CA LYS A 29 2.05 1.13 -4.24
C LYS A 29 2.98 1.83 -5.21
N PHE A 30 3.24 1.24 -6.40
CA PHE A 30 4.10 1.89 -7.38
C PHE A 30 3.26 2.41 -8.52
N ASP A 31 1.96 2.70 -8.32
CA ASP A 31 1.13 3.20 -9.41
C ASP A 31 1.14 2.21 -10.56
N NH2 A 32 1.96 2.36 -11.60
HN1 NH2 A 32 2.64 3.10 -11.64
HN2 NH2 A 32 1.92 1.70 -12.35
ZN ZN B . -4.61 2.94 -1.85
C ACE A 1 7.04 2.09 12.05
O ACE A 1 5.85 1.93 11.89
CH3 ACE A 1 7.52 2.88 13.24
H1 ACE A 1 8.07 3.76 12.90
H2 ACE A 1 8.17 2.25 13.86
H3 ACE A 1 6.66 3.21 13.84
N LYS A 2 7.99 1.61 11.20
CA LYS A 2 7.60 0.90 10.00
C LYS A 2 7.82 -0.58 10.21
N PHE A 3 6.77 -1.36 10.54
CA PHE A 3 6.96 -2.79 10.80
C PHE A 3 6.81 -3.58 9.52
N GLU A 4 7.60 -3.24 8.48
CA GLU A 4 7.51 -3.96 7.21
C GLU A 4 6.21 -3.61 6.52
N ASP A 5 6.04 -2.34 6.09
CA ASP A 5 4.78 -1.93 5.46
C ASP A 5 5.04 -0.77 4.53
N TRP A 6 4.02 -0.25 3.82
CA TRP A 6 4.22 0.93 2.97
C TRP A 6 2.94 1.72 2.90
N LEU A 7 3.02 2.98 2.44
CA LEU A 7 1.84 3.86 2.38
C LEU A 7 1.42 4.06 0.96
N CYS A 8 0.11 3.96 0.65
CA CYS A 8 -0.31 4.11 -0.72
C CYS A 8 -0.22 5.54 -1.20
N ASN A 9 -0.02 5.75 -2.52
CA ASN A 9 0.08 7.10 -3.07
C ASN A 9 -1.25 7.54 -3.65
N LYS A 10 -2.37 7.03 -3.10
CA LYS A 10 -3.70 7.35 -3.62
C LYS A 10 -4.65 7.56 -2.48
N CYS A 11 -4.84 6.55 -1.60
CA CYS A 11 -5.67 6.72 -0.40
C CYS A 11 -4.83 6.93 0.83
N CYS A 12 -3.47 6.92 0.75
CA CYS A 12 -2.66 7.19 1.94
C CYS A 12 -2.86 6.13 3.00
N LEU A 13 -3.32 4.92 2.62
CA LEU A 13 -3.57 3.88 3.60
C LEU A 13 -2.36 2.97 3.69
N ASN A 14 -1.96 2.59 4.92
CA ASN A 14 -0.81 1.71 5.09
C ASN A 14 -1.11 0.30 4.62
N ASN A 15 -0.11 -0.44 4.11
CA ASN A 15 -0.34 -1.82 3.69
C ASN A 15 0.85 -2.69 3.92
N PHE A 16 0.62 -4.00 4.14
CA PHE A 16 1.71 -4.91 4.50
C PHE A 16 2.79 -4.90 3.42
N ARG A 17 4.06 -5.13 3.78
CA ARG A 17 5.11 -5.22 2.77
C ARG A 17 4.98 -6.40 1.86
N LYS A 18 4.31 -7.45 2.34
CA LYS A 18 4.08 -8.62 1.51
C LYS A 18 3.00 -8.30 0.49
N ARG A 19 2.27 -7.16 0.63
CA ARG A 19 1.17 -6.90 -0.27
C ARG A 19 1.73 -6.37 -1.59
N LEU A 20 1.31 -6.93 -2.73
CA LEU A 20 1.68 -6.39 -4.04
C LEU A 20 0.73 -5.29 -4.47
N LYS A 21 -0.13 -4.72 -3.61
CA LYS A 21 -1.01 -3.68 -4.09
C LYS A 21 -1.77 -3.12 -2.93
N CYS A 22 -2.55 -2.04 -3.14
CA CYS A 22 -3.25 -1.45 -2.02
C CYS A 22 -4.53 -2.20 -1.74
N PHE A 23 -4.81 -2.55 -0.46
CA PHE A 23 -6.05 -3.26 -0.15
C PHE A 23 -7.18 -2.29 0.16
N ARG A 24 -7.00 -0.99 -0.11
CA ARG A 24 -8.02 0.01 0.16
C ARG A 24 -8.50 0.61 -1.14
N CYS A 25 -7.60 1.17 -1.96
CA CYS A 25 -8.01 1.69 -3.25
C CYS A 25 -7.73 0.69 -4.36
N GLY A 26 -6.95 -0.40 -4.15
CA GLY A 26 -6.65 -1.32 -5.23
C GLY A 26 -5.38 -0.98 -5.95
N ALA A 27 -5.08 0.32 -6.16
CA ALA A 27 -3.90 0.72 -6.90
C ALA A 27 -2.62 0.15 -6.33
N ASP A 28 -1.56 0.09 -7.16
CA ASP A 28 -0.30 -0.49 -6.70
C ASP A 28 0.53 0.57 -6.00
N LYS A 29 1.67 0.17 -5.41
CA LYS A 29 2.49 1.10 -4.65
C LYS A 29 2.98 2.20 -5.56
N PHE A 30 3.62 1.83 -6.69
CA PHE A 30 4.14 2.81 -7.62
C PHE A 30 3.16 2.94 -8.76
N ASP A 31 1.89 2.51 -8.61
CA ASP A 31 0.95 2.54 -9.71
C ASP A 31 1.32 1.73 -10.95
N NH2 A 32 2.58 1.62 -11.42
HN1 NH2 A 32 3.35 2.11 -11.01
HN2 NH2 A 32 2.74 1.06 -12.22
ZN ZN B . -4.42 2.89 -1.88
C ACE A 1 6.35 -1.91 14.34
O ACE A 1 7.12 -2.85 14.45
CH3 ACE A 1 6.12 -1.00 15.51
H1 ACE A 1 5.06 -1.03 15.79
H2 ACE A 1 6.39 0.03 15.23
H3 ACE A 1 6.73 -1.32 16.36
N LYS A 2 5.68 -1.63 13.20
CA LYS A 2 5.79 -2.52 12.04
C LYS A 2 6.77 -1.88 11.08
N PHE A 3 8.03 -2.34 11.06
CA PHE A 3 8.99 -1.77 10.13
C PHE A 3 8.97 -2.56 8.85
N GLU A 4 7.79 -2.79 8.23
CA GLU A 4 7.75 -3.59 7.01
C GLU A 4 6.47 -3.28 6.28
N ASP A 5 6.26 -2.01 5.87
CA ASP A 5 4.99 -1.62 5.27
C ASP A 5 5.21 -0.41 4.39
N TRP A 6 4.17 0.07 3.68
CA TRP A 6 4.34 1.25 2.83
C TRP A 6 3.03 1.99 2.71
N LEU A 7 3.08 3.27 2.29
CA LEU A 7 1.86 4.08 2.20
C LEU A 7 1.44 4.28 0.78
N CYS A 8 0.11 4.21 0.50
CA CYS A 8 -0.31 4.38 -0.88
C CYS A 8 -0.30 5.83 -1.27
N ASN A 9 -0.09 6.12 -2.58
CA ASN A 9 -0.08 7.50 -3.06
C ASN A 9 -1.44 7.87 -3.63
N LYS A 10 -2.52 7.28 -3.10
CA LYS A 10 -3.87 7.53 -3.63
C LYS A 10 -4.86 7.62 -2.50
N CYS A 11 -4.98 6.59 -1.63
CA CYS A 11 -5.82 6.72 -0.43
C CYS A 11 -5.00 6.99 0.80
N CYS A 12 -3.64 7.07 0.73
CA CYS A 12 -2.86 7.39 1.92
C CYS A 12 -2.94 6.29 2.95
N LEU A 13 -3.29 5.04 2.57
CA LEU A 13 -3.47 3.97 3.54
C LEU A 13 -2.20 3.17 3.62
N ASN A 14 -1.82 2.73 4.84
CA ASN A 14 -0.57 2.01 5.05
C ASN A 14 -0.76 0.54 4.79
N ASN A 15 -0.09 -0.05 3.78
CA ASN A 15 -0.31 -1.46 3.47
C ASN A 15 0.93 -2.27 3.75
N PHE A 16 0.74 -3.56 4.07
CA PHE A 16 1.87 -4.39 4.46
C PHE A 16 2.83 -4.47 3.29
N ARG A 17 4.14 -4.67 3.57
CA ARG A 17 5.09 -4.90 2.49
C ARG A 17 4.81 -6.12 1.66
N LYS A 18 4.02 -7.07 2.20
CA LYS A 18 3.68 -8.25 1.45
C LYS A 18 2.52 -7.92 0.53
N ARG A 19 1.90 -6.72 0.66
CA ARG A 19 0.74 -6.44 -0.16
C ARG A 19 1.27 -6.05 -1.52
N LEU A 20 1.09 -6.91 -2.54
CA LEU A 20 1.49 -6.54 -3.89
C LEU A 20 0.72 -5.32 -4.32
N LYS A 21 -0.45 -5.04 -3.73
CA LYS A 21 -1.18 -3.85 -4.15
C LYS A 21 -1.97 -3.29 -3.01
N CYS A 22 -2.39 -2.03 -3.12
CA CYS A 22 -3.06 -1.41 -2.00
C CYS A 22 -4.31 -2.19 -1.67
N PHE A 23 -4.54 -2.52 -0.38
CA PHE A 23 -5.74 -3.28 -0.02
C PHE A 23 -6.91 -2.37 0.29
N ARG A 24 -6.78 -1.07 0.00
CA ARG A 24 -7.84 -0.09 0.25
C ARG A 24 -8.32 0.45 -1.07
N CYS A 25 -7.45 1.03 -1.92
CA CYS A 25 -7.90 1.48 -3.24
C CYS A 25 -7.65 0.42 -4.28
N GLY A 26 -6.83 -0.64 -4.05
CA GLY A 26 -6.56 -1.60 -5.11
C GLY A 26 -5.31 -1.23 -5.88
N ALA A 27 -5.08 0.07 -6.15
CA ALA A 27 -3.91 0.50 -6.93
C ALA A 27 -2.61 -0.04 -6.39
N ASP A 28 -1.62 -0.26 -7.28
CA ASP A 28 -0.37 -0.83 -6.82
C ASP A 28 0.46 0.19 -6.10
N LYS A 29 1.39 -0.24 -5.20
CA LYS A 29 2.27 0.72 -4.55
C LYS A 29 3.10 1.50 -5.54
N PHE A 30 3.31 0.96 -6.76
CA PHE A 30 4.08 1.67 -7.77
C PHE A 30 3.16 2.33 -8.79
N ASP A 31 1.86 2.50 -8.46
CA ASP A 31 0.94 3.16 -9.38
C ASP A 31 0.14 4.28 -8.76
N NH2 A 32 0.11 4.53 -7.43
HN1 NH2 A 32 0.61 3.98 -6.75
HN2 NH2 A 32 -0.44 5.28 -7.10
ZN ZN B . -4.46 3.08 -1.96
C ACE A 1 5.86 1.37 11.22
O ACE A 1 5.01 1.03 10.42
CH3 ACE A 1 5.43 1.93 12.54
H1 ACE A 1 5.83 2.95 12.66
H2 ACE A 1 5.82 1.30 13.36
H3 ACE A 1 4.33 1.96 12.61
N LYS A 2 7.19 1.24 10.98
CA LYS A 2 7.66 0.74 9.70
C LYS A 2 7.92 -0.74 9.81
N PHE A 3 6.96 -1.53 10.33
CA PHE A 3 7.20 -2.95 10.56
C PHE A 3 6.97 -3.70 9.27
N GLU A 4 7.77 -3.40 8.21
CA GLU A 4 7.59 -4.10 6.95
C GLU A 4 6.27 -3.69 6.33
N ASP A 5 6.12 -2.39 5.96
CA ASP A 5 4.86 -1.93 5.38
C ASP A 5 5.14 -0.75 4.48
N TRP A 6 4.12 -0.25 3.75
CA TRP A 6 4.32 0.92 2.90
C TRP A 6 3.06 1.75 2.86
N LEU A 7 3.16 3.01 2.38
CA LEU A 7 2.03 3.93 2.36
C LEU A 7 1.53 4.10 0.95
N CYS A 8 0.21 3.90 0.72
CA CYS A 8 -0.30 4.09 -0.63
C CYS A 8 -0.27 5.51 -1.11
N ASN A 9 -0.11 5.73 -2.44
CA ASN A 9 -0.06 7.09 -3.00
C ASN A 9 -1.41 7.51 -3.53
N LYS A 10 -2.52 6.98 -2.98
CA LYS A 10 -3.85 7.26 -3.52
C LYS A 10 -4.81 7.45 -2.37
N CYS A 11 -5.06 6.41 -1.56
CA CYS A 11 -5.93 6.57 -0.41
C CYS A 11 -5.16 6.91 0.84
N CYS A 12 -3.81 6.99 0.77
CA CYS A 12 -3.04 7.42 1.93
C CYS A 12 -3.08 6.42 3.06
N LEU A 13 -3.38 5.13 2.78
CA LEU A 13 -3.51 4.12 3.82
C LEU A 13 -2.31 3.21 3.80
N ASN A 14 -1.88 2.74 4.99
CA ASN A 14 -0.73 1.84 5.06
C ASN A 14 -1.06 0.47 4.53
N ASN A 15 -0.05 -0.34 4.18
CA ASN A 15 -0.32 -1.70 3.71
C ASN A 15 0.86 -2.60 3.94
N PHE A 16 0.59 -3.89 4.20
CA PHE A 16 1.67 -4.82 4.55
C PHE A 16 2.70 -4.87 3.44
N ARG A 17 3.98 -5.12 3.77
CA ARG A 17 4.98 -5.26 2.69
C ARG A 17 4.67 -6.41 1.77
N LYS A 18 4.05 -7.48 2.28
CA LYS A 18 3.62 -8.55 1.39
C LYS A 18 2.49 -8.11 0.50
N ARG A 19 1.77 -7.02 0.83
CA ARG A 19 0.62 -6.66 0.02
C ARG A 19 1.15 -6.14 -1.31
N LEU A 20 1.07 -6.94 -2.39
CA LEU A 20 1.44 -6.47 -3.72
C LEU A 20 0.77 -5.17 -4.11
N LYS A 21 -0.44 -4.87 -3.59
CA LYS A 21 -1.18 -3.68 -3.98
C LYS A 21 -1.88 -3.19 -2.75
N CYS A 22 -2.66 -2.10 -2.83
CA CYS A 22 -3.30 -1.59 -1.64
C CYS A 22 -4.54 -2.37 -1.28
N PHE A 23 -4.87 -2.50 0.03
CA PHE A 23 -6.07 -3.23 0.43
C PHE A 23 -7.26 -2.31 0.61
N ARG A 24 -7.22 -1.11 -0.01
CA ARG A 24 -8.30 -0.14 0.07
C ARG A 24 -8.65 0.34 -1.32
N CYS A 25 -7.69 0.88 -2.09
CA CYS A 25 -7.98 1.24 -3.48
C CYS A 25 -7.39 0.27 -4.49
N GLY A 26 -6.65 -0.80 -4.07
CA GLY A 26 -6.10 -1.72 -5.06
C GLY A 26 -5.18 -1.09 -6.07
N ALA A 27 -4.54 0.06 -5.76
CA ALA A 27 -3.65 0.71 -6.71
C ALA A 27 -2.23 0.30 -6.44
N ASP A 28 -1.40 0.14 -7.50
CA ASP A 28 -0.03 -0.32 -7.29
C ASP A 28 0.74 0.71 -6.49
N LYS A 29 1.82 0.30 -5.80
CA LYS A 29 2.50 1.21 -4.87
C LYS A 29 3.12 2.35 -5.65
N PHE A 30 3.90 2.01 -6.69
CA PHE A 30 4.56 3.04 -7.49
C PHE A 30 3.79 3.19 -8.77
N ASP A 31 2.49 2.86 -8.81
CA ASP A 31 1.74 2.89 -10.06
C ASP A 31 2.31 2.00 -11.16
N NH2 A 32 3.42 1.26 -11.02
HN1 NH2 A 32 3.96 1.22 -10.18
HN2 NH2 A 32 3.72 0.71 -11.80
ZN ZN B . -4.50 2.76 -1.56
C ACE A 1 8.82 -8.67 8.92
O ACE A 1 10.01 -8.48 9.07
CH3 ACE A 1 8.22 -9.93 9.49
H1 ACE A 1 7.83 -10.55 8.67
H2 ACE A 1 7.41 -9.69 10.18
H3 ACE A 1 8.99 -10.51 10.03
N LYS A 2 7.99 -7.83 8.27
CA LYS A 2 8.50 -6.63 7.65
C LYS A 2 8.06 -5.43 8.45
N PHE A 3 8.98 -4.78 9.19
CA PHE A 3 8.62 -3.62 10.01
C PHE A 3 8.81 -2.37 9.21
N GLU A 4 8.34 -2.32 7.94
CA GLU A 4 8.58 -1.11 7.14
C GLU A 4 7.45 -1.00 6.14
N ASP A 5 6.22 -0.89 6.68
CA ASP A 5 5.04 -0.81 5.82
C ASP A 5 5.10 0.37 4.89
N TRP A 6 4.09 0.55 4.00
CA TRP A 6 4.12 1.67 3.07
C TRP A 6 2.78 2.34 3.00
N LEU A 7 2.70 3.56 2.41
CA LEU A 7 1.45 4.29 2.29
C LEU A 7 1.04 4.43 0.85
N CYS A 8 -0.20 4.05 0.49
CA CYS A 8 -0.57 4.14 -0.92
C CYS A 8 -0.41 5.56 -1.42
N ASN A 9 -0.16 5.72 -2.73
CA ASN A 9 -0.04 7.06 -3.31
C ASN A 9 -1.34 7.53 -3.91
N LYS A 10 -2.49 7.00 -3.42
CA LYS A 10 -3.79 7.34 -4.01
C LYS A 10 -4.77 7.57 -2.89
N CYS A 11 -5.01 6.57 -2.02
CA CYS A 11 -5.86 6.79 -0.86
C CYS A 11 -5.07 7.03 0.40
N CYS A 12 -3.71 7.01 0.38
CA CYS A 12 -2.93 7.23 1.59
C CYS A 12 -3.15 6.18 2.65
N LEU A 13 -3.68 5.01 2.27
CA LEU A 13 -3.99 3.97 3.24
C LEU A 13 -2.70 3.21 3.49
N ASN A 14 -2.27 3.15 4.76
CA ASN A 14 -1.08 2.39 5.10
C ASN A 14 -1.29 0.91 4.88
N ASN A 15 -0.25 0.16 4.44
CA ASN A 15 -0.42 -1.27 4.24
C ASN A 15 0.87 -2.02 4.51
N PHE A 16 0.80 -3.14 5.26
CA PHE A 16 2.00 -3.90 5.59
C PHE A 16 2.86 -4.13 4.37
N ARG A 17 4.19 -4.15 4.57
CA ARG A 17 5.09 -4.34 3.43
C ARG A 17 4.84 -5.67 2.76
N LYS A 18 4.42 -6.65 3.57
CA LYS A 18 4.03 -7.95 3.01
C LYS A 18 3.13 -7.76 1.80
N ARG A 19 2.28 -6.72 1.81
CA ARG A 19 1.33 -6.54 0.71
C ARG A 19 2.07 -6.07 -0.53
N LEU A 20 1.40 -6.21 -1.68
CA LEU A 20 1.95 -5.75 -2.96
C LEU A 20 1.15 -4.58 -3.50
N LYS A 21 -0.18 -4.46 -3.28
CA LYS A 21 -0.94 -3.38 -3.87
C LYS A 21 -2.00 -2.98 -2.89
N CYS A 22 -2.45 -1.72 -2.94
CA CYS A 22 -3.42 -1.28 -1.96
C CYS A 22 -4.69 -2.07 -2.07
N PHE A 23 -5.18 -2.63 -0.95
CA PHE A 23 -6.40 -3.42 -1.00
C PHE A 23 -7.62 -2.51 -1.07
N ARG A 24 -7.47 -1.23 -0.66
CA ARG A 24 -8.60 -0.29 -0.68
C ARG A 24 -8.91 0.15 -2.10
N CYS A 25 -8.00 0.84 -2.81
CA CYS A 25 -8.30 1.27 -4.17
C CYS A 25 -7.95 0.16 -5.13
N GLY A 26 -7.10 -0.82 -4.77
CA GLY A 26 -6.71 -1.87 -5.71
C GLY A 26 -5.43 -1.51 -6.45
N ALA A 27 -4.98 -0.24 -6.35
CA ALA A 27 -3.84 0.22 -7.13
C ALA A 27 -2.56 -0.16 -6.45
N ASP A 28 -1.47 -0.20 -7.22
CA ASP A 28 -0.19 -0.58 -6.66
C ASP A 28 0.33 0.48 -5.72
N LYS A 29 1.15 0.10 -4.74
CA LYS A 29 1.79 1.09 -3.86
C LYS A 29 2.64 2.05 -4.66
N PHE A 30 3.09 1.67 -5.88
CA PHE A 30 3.90 2.57 -6.70
C PHE A 30 3.14 2.97 -7.94
N ASP A 31 1.79 2.99 -7.91
CA ASP A 31 1.03 3.35 -9.09
C ASP A 31 0.04 4.42 -8.70
N NH2 A 32 -0.22 5.42 -9.56
HN1 NH2 A 32 0.20 5.47 -10.46
HN2 NH2 A 32 -0.87 6.13 -9.28
ZN ZN B . -4.73 2.90 -2.25
C ACE A 1 6.88 -1.79 13.51
O ACE A 1 6.88 -2.94 13.10
CH3 ACE A 1 7.25 -1.52 14.94
H1 ACE A 1 6.41 -1.06 15.47
H2 ACE A 1 8.11 -0.83 14.97
H3 ACE A 1 7.53 -2.45 15.45
N LYS A 2 6.53 -0.73 12.75
CA LYS A 2 6.07 -0.94 11.39
C LYS A 2 7.26 -0.83 10.47
N PHE A 3 8.30 -1.67 10.71
CA PHE A 3 9.51 -1.60 9.91
C PHE A 3 9.37 -2.52 8.71
N GLU A 4 8.16 -2.68 8.11
CA GLU A 4 8.00 -3.62 7.02
C GLU A 4 6.65 -3.38 6.36
N ASP A 5 6.39 -2.14 5.89
CA ASP A 5 5.07 -1.83 5.33
C ASP A 5 5.23 -0.68 4.35
N TRP A 6 4.15 -0.24 3.68
CA TRP A 6 4.24 0.90 2.78
C TRP A 6 2.94 1.66 2.75
N LEU A 7 2.92 2.88 2.17
CA LEU A 7 1.70 3.69 2.17
C LEU A 7 1.24 3.97 0.76
N CYS A 8 -0.08 4.03 0.54
CA CYS A 8 -0.55 4.18 -0.82
C CYS A 8 -0.53 5.62 -1.26
N ASN A 9 -0.22 5.90 -2.55
CA ASN A 9 -0.14 7.29 -3.02
C ASN A 9 -1.46 7.77 -3.57
N LYS A 10 -2.59 7.20 -3.08
CA LYS A 10 -3.91 7.54 -3.60
C LYS A 10 -4.85 7.76 -2.43
N CYS A 11 -5.04 6.73 -1.58
CA CYS A 11 -5.88 6.88 -0.40
C CYS A 11 -5.07 7.07 0.87
N CYS A 12 -3.72 7.11 0.80
CA CYS A 12 -2.93 7.39 1.99
C CYS A 12 -3.01 6.30 3.03
N LEU A 13 -3.44 5.07 2.64
CA LEU A 13 -3.60 4.00 3.61
C LEU A 13 -2.35 3.16 3.67
N ASN A 14 -2.00 2.64 4.87
CA ASN A 14 -0.84 1.79 5.00
C ASN A 14 -1.11 0.39 4.50
N ASN A 15 -0.06 -0.42 4.25
CA ASN A 15 -0.26 -1.79 3.81
C ASN A 15 0.98 -2.64 4.04
N PHE A 16 0.78 -3.93 4.37
CA PHE A 16 1.89 -4.83 4.61
C PHE A 16 2.89 -4.86 3.47
N ARG A 17 4.19 -5.07 3.78
CA ARG A 17 5.20 -5.23 2.73
C ARG A 17 5.02 -6.47 1.91
N LYS A 18 4.47 -7.54 2.53
CA LYS A 18 4.19 -8.74 1.76
C LYS A 18 3.17 -8.47 0.67
N ARG A 19 2.39 -7.37 0.76
CA ARG A 19 1.37 -7.15 -0.25
C ARG A 19 1.96 -6.52 -1.48
N LEU A 20 1.17 -6.49 -2.57
CA LEU A 20 1.61 -5.84 -3.80
C LEU A 20 0.50 -5.01 -4.38
N LYS A 21 -0.46 -4.52 -3.57
CA LYS A 21 -1.53 -3.72 -4.14
C LYS A 21 -2.41 -3.18 -3.04
N CYS A 22 -2.84 -1.92 -3.14
CA CYS A 22 -3.56 -1.35 -2.02
C CYS A 22 -4.87 -2.07 -1.84
N PHE A 23 -5.25 -2.43 -0.59
CA PHE A 23 -6.51 -3.13 -0.37
C PHE A 23 -7.66 -2.20 -0.14
N ARG A 24 -7.44 -0.88 -0.32
CA ARG A 24 -8.50 0.11 -0.13
C ARG A 24 -8.87 0.68 -1.47
N CYS A 25 -7.92 1.23 -2.24
CA CYS A 25 -8.25 1.72 -3.58
C CYS A 25 -7.84 0.74 -4.66
N GLY A 26 -7.05 -0.33 -4.40
CA GLY A 26 -6.63 -1.23 -5.46
C GLY A 26 -5.30 -0.82 -6.06
N ALA A 27 -5.01 0.48 -6.16
CA ALA A 27 -3.80 0.95 -6.83
C ALA A 27 -2.55 0.29 -6.31
N ASP A 28 -1.53 0.14 -7.17
CA ASP A 28 -0.31 -0.52 -6.74
C ASP A 28 0.56 0.38 -5.91
N LYS A 29 1.34 -0.16 -4.97
CA LYS A 29 2.28 0.65 -4.22
C LYS A 29 3.32 1.30 -5.12
N PHE A 30 3.54 0.75 -6.34
CA PHE A 30 4.50 1.35 -7.26
C PHE A 30 3.76 2.06 -8.38
N ASP A 31 2.50 2.48 -8.15
CA ASP A 31 1.75 3.13 -9.22
C ASP A 31 2.24 4.55 -9.40
N NH2 A 32 3.12 4.81 -10.39
HN1 NH2 A 32 3.46 4.08 -10.98
HN2 NH2 A 32 3.44 5.75 -10.51
ZN ZN B . -4.67 2.99 -1.85
C ACE A 1 9.52 2.47 9.53
O ACE A 1 9.59 2.83 10.69
CH3 ACE A 1 10.45 3.11 8.53
H1 ACE A 1 9.87 3.66 7.77
H2 ACE A 1 11.06 2.34 8.02
H3 ACE A 1 11.13 3.82 9.04
N LYS A 2 8.65 1.54 9.07
CA LYS A 2 7.69 0.91 9.96
C LYS A 2 8.05 -0.56 10.10
N PHE A 3 7.15 -1.37 10.68
CA PHE A 3 7.41 -2.78 10.89
C PHE A 3 7.18 -3.56 9.63
N GLU A 4 7.90 -3.22 8.54
CA GLU A 4 7.74 -3.93 7.28
C GLU A 4 6.40 -3.59 6.65
N ASP A 5 6.21 -2.32 6.25
CA ASP A 5 4.94 -1.92 5.64
C ASP A 5 5.17 -0.77 4.68
N TRP A 6 4.13 -0.32 3.95
CA TRP A 6 4.28 0.82 3.06
C TRP A 6 2.98 1.60 3.00
N LEU A 7 3.00 2.85 2.46
CA LEU A 7 1.81 3.68 2.39
C LEU A 7 1.38 3.90 0.97
N CYS A 8 0.09 3.71 0.64
CA CYS A 8 -0.31 3.88 -0.75
C CYS A 8 -0.06 5.29 -1.23
N ASN A 9 0.14 5.46 -2.55
CA ASN A 9 0.38 6.80 -3.10
C ASN A 9 -0.90 7.40 -3.63
N LYS A 10 -2.07 6.94 -3.14
CA LYS A 10 -3.35 7.40 -3.64
C LYS A 10 -4.27 7.67 -2.46
N CYS A 11 -4.55 6.65 -1.63
CA CYS A 11 -5.33 6.87 -0.43
C CYS A 11 -4.48 6.98 0.82
N CYS A 12 -3.14 6.82 0.75
CA CYS A 12 -2.31 6.91 1.94
C CYS A 12 -2.57 5.85 2.97
N LEU A 13 -3.23 4.74 2.59
CA LEU A 13 -3.56 3.69 3.52
C LEU A 13 -2.33 2.83 3.71
N ASN A 14 -1.99 2.49 4.97
CA ASN A 14 -0.83 1.63 5.20
C ASN A 14 -1.09 0.23 4.69
N ASN A 15 -0.03 -0.57 4.45
CA ASN A 15 -0.25 -1.94 4.04
C ASN A 15 0.97 -2.81 4.26
N PHE A 16 0.75 -4.10 4.55
CA PHE A 16 1.87 -4.98 4.89
C PHE A 16 2.88 -5.03 3.76
N ARG A 17 4.19 -5.11 4.06
CA ARG A 17 5.18 -5.26 2.99
C ARG A 17 4.91 -6.46 2.13
N LYS A 18 4.32 -7.51 2.71
CA LYS A 18 4.01 -8.67 1.90
C LYS A 18 3.10 -8.29 0.76
N ARG A 19 2.31 -7.19 0.89
CA ARG A 19 1.32 -6.84 -0.12
C ARG A 19 1.97 -6.00 -1.22
N LEU A 20 1.67 -6.28 -2.51
CA LEU A 20 2.23 -5.52 -3.63
C LEU A 20 1.20 -4.56 -4.18
N LYS A 21 0.21 -4.11 -3.39
CA LYS A 21 -0.81 -3.23 -3.94
C LYS A 21 -1.78 -2.85 -2.87
N CYS A 22 -2.58 -1.79 -3.11
CA CYS A 22 -3.46 -1.32 -2.07
C CYS A 22 -4.80 -2.00 -2.14
N PHE A 23 -5.30 -2.54 -1.00
CA PHE A 23 -6.58 -3.23 -1.01
C PHE A 23 -7.73 -2.24 -0.94
N ARG A 24 -7.48 -0.97 -0.58
CA ARG A 24 -8.53 0.02 -0.48
C ARG A 24 -8.93 0.52 -1.84
N CYS A 25 -8.00 1.18 -2.57
CA CYS A 25 -8.33 1.72 -3.88
C CYS A 25 -8.08 0.65 -4.91
N GLY A 26 -7.29 -0.41 -4.61
CA GLY A 26 -7.02 -1.42 -5.62
C GLY A 26 -5.78 -1.08 -6.40
N ALA A 27 -5.21 0.14 -6.27
CA ALA A 27 -4.09 0.53 -7.12
C ALA A 27 -2.80 0.02 -6.55
N ASP A 28 -1.76 -0.11 -7.40
CA ASP A 28 -0.50 -0.66 -6.90
C ASP A 28 0.17 0.33 -5.97
N LYS A 29 1.30 -0.04 -5.34
CA LYS A 29 1.95 0.84 -4.37
C LYS A 29 2.37 2.11 -5.07
N PHE A 30 3.11 1.98 -6.20
CA PHE A 30 3.58 3.15 -6.94
C PHE A 30 2.68 3.35 -8.14
N ASP A 31 1.43 2.85 -8.09
CA ASP A 31 0.53 2.97 -9.23
C ASP A 31 1.13 2.37 -10.49
N NH2 A 32 1.95 3.07 -11.30
HN1 NH2 A 32 2.26 3.99 -11.07
HN2 NH2 A 32 2.27 2.65 -12.15
ZN ZN B . -4.55 2.88 -1.87
C ACE A 1 5.69 -1.22 14.77
O ACE A 1 6.44 -2.15 15.02
CH3 ACE A 1 5.40 -0.20 15.83
H1 ACE A 1 4.31 -0.18 16.03
H2 ACE A 1 5.72 0.79 15.50
H3 ACE A 1 5.92 -0.46 16.76
N LYS A 2 5.11 -1.04 13.56
CA LYS A 2 5.30 -2.01 12.49
C LYS A 2 6.34 -1.46 11.54
N PHE A 3 7.63 -1.81 11.73
CA PHE A 3 8.66 -1.39 10.76
C PHE A 3 8.73 -2.31 9.56
N GLU A 4 7.60 -2.53 8.83
CA GLU A 4 7.64 -3.47 7.70
C GLU A 4 6.38 -3.27 6.89
N ASP A 5 6.20 -2.06 6.34
CA ASP A 5 4.97 -1.75 5.61
C ASP A 5 5.27 -0.64 4.65
N TRP A 6 4.28 -0.16 3.86
CA TRP A 6 4.53 0.94 2.94
C TRP A 6 3.27 1.72 2.73
N LEU A 7 3.35 2.97 2.23
CA LEU A 7 2.18 3.82 2.08
C LEU A 7 1.76 3.92 0.63
N CYS A 8 0.45 3.83 0.32
CA CYS A 8 0.05 3.88 -1.08
C CYS A 8 0.20 5.26 -1.66
N ASN A 9 0.41 5.35 -2.99
CA ASN A 9 0.59 6.65 -3.63
C ASN A 9 -0.73 7.11 -4.24
N LYS A 10 -1.86 6.69 -3.63
CA LYS A 10 -3.17 7.02 -4.15
C LYS A 10 -4.10 7.35 -3.00
N CYS A 11 -4.22 6.47 -1.98
CA CYS A 11 -4.97 6.81 -0.79
C CYS A 11 -4.09 6.94 0.44
N CYS A 12 -2.74 6.83 0.34
CA CYS A 12 -1.90 7.04 1.51
C CYS A 12 -2.10 6.01 2.60
N LEU A 13 -2.70 4.84 2.26
CA LEU A 13 -2.98 3.84 3.27
C LEU A 13 -1.75 3.00 3.49
N ASN A 14 -1.36 2.83 4.77
CA ASN A 14 -0.26 1.94 5.13
C ASN A 14 -0.60 0.48 4.91
N ASN A 15 0.05 -0.23 3.95
CA ASN A 15 -0.22 -1.66 3.75
C ASN A 15 0.99 -2.49 4.09
N PHE A 16 0.74 -3.75 4.53
CA PHE A 16 1.83 -4.61 4.95
C PHE A 16 2.87 -4.78 3.86
N ARG A 17 4.14 -5.05 4.26
CA ARG A 17 5.19 -5.26 3.26
C ARG A 17 5.02 -6.56 2.55
N LYS A 18 4.16 -6.58 1.51
CA LYS A 18 3.93 -7.80 0.75
C LYS A 18 2.88 -7.52 -0.30
N ARG A 19 1.75 -6.92 0.13
CA ARG A 19 0.69 -6.64 -0.81
C ARG A 19 1.27 -6.03 -2.07
N LEU A 20 1.23 -6.73 -3.21
CA LEU A 20 1.67 -6.14 -4.46
C LEU A 20 0.89 -4.88 -4.75
N LYS A 21 -0.32 -4.72 -4.19
CA LYS A 21 -1.10 -3.53 -4.51
C LYS A 21 -1.92 -3.14 -3.32
N CYS A 22 -2.29 -1.85 -3.25
CA CYS A 22 -2.99 -1.37 -2.08
C CYS A 22 -4.27 -2.12 -1.88
N PHE A 23 -4.52 -2.64 -0.67
CA PHE A 23 -5.76 -3.37 -0.43
C PHE A 23 -6.93 -2.43 -0.22
N ARG A 24 -6.64 -1.17 0.15
CA ARG A 24 -7.70 -0.19 0.39
C ARG A 24 -8.32 0.31 -0.91
N CYS A 25 -7.56 1.04 -1.77
CA CYS A 25 -8.12 1.52 -3.02
C CYS A 25 -8.05 0.42 -4.05
N GLY A 26 -7.19 -0.62 -3.88
CA GLY A 26 -7.08 -1.65 -4.89
C GLY A 26 -5.99 -1.36 -5.90
N ALA A 27 -5.47 -0.12 -5.94
CA ALA A 27 -4.48 0.26 -6.95
C ALA A 27 -3.09 -0.11 -6.51
N ASP A 28 -2.14 -0.21 -7.46
CA ASP A 28 -0.78 -0.58 -7.08
C ASP A 28 -0.18 0.41 -6.10
N LYS A 29 1.01 0.09 -5.55
CA LYS A 29 1.62 0.96 -4.57
C LYS A 29 1.86 2.30 -5.22
N PHE A 30 2.56 2.32 -6.38
CA PHE A 30 2.87 3.56 -7.07
C PHE A 30 1.91 3.76 -8.21
N ASP A 31 0.70 3.15 -8.14
CA ASP A 31 -0.27 3.27 -9.23
C ASP A 31 0.34 2.84 -10.55
N NH2 A 32 0.27 1.55 -10.94
HN1 NH2 A 32 -0.28 0.89 -10.45
HN2 NH2 A 32 0.74 1.26 -11.78
ZN ZN B . -4.30 2.85 -1.98
C ACE A 1 5.33 -1.61 14.59
O ACE A 1 6.04 -2.57 14.85
CH3 ACE A 1 4.98 -0.64 15.68
H1 ACE A 1 3.89 -0.63 15.81
H2 ACE A 1 5.33 0.37 15.41
H3 ACE A 1 5.45 -0.96 16.62
N LYS A 2 4.82 -1.37 13.36
CA LYS A 2 5.07 -2.30 12.27
C LYS A 2 6.12 -1.69 11.38
N PHE A 3 7.40 -2.12 11.48
CA PHE A 3 8.43 -1.54 10.63
C PHE A 3 8.56 -2.34 9.36
N GLU A 4 7.43 -2.62 8.66
CA GLU A 4 7.50 -3.46 7.48
C GLU A 4 6.30 -3.21 6.60
N ASP A 5 6.08 -1.93 6.19
CA ASP A 5 4.87 -1.58 5.43
C ASP A 5 5.18 -0.43 4.51
N TRP A 6 4.21 0.01 3.69
CA TRP A 6 4.44 1.16 2.82
C TRP A 6 3.15 1.95 2.69
N LEU A 7 3.23 3.23 2.28
CA LEU A 7 2.05 4.08 2.22
C LEU A 7 1.63 4.18 0.77
N CYS A 8 0.38 3.81 0.42
CA CYS A 8 -0.03 3.88 -0.97
C CYS A 8 0.13 5.25 -1.55
N ASN A 9 0.38 5.36 -2.87
CA ASN A 9 0.56 6.67 -3.50
C ASN A 9 -0.74 7.18 -4.09
N LYS A 10 -1.88 6.78 -3.49
CA LYS A 10 -3.20 7.16 -4.01
C LYS A 10 -4.12 7.48 -2.84
N CYS A 11 -4.22 6.58 -1.83
CA CYS A 11 -4.97 6.90 -0.62
C CYS A 11 -4.08 7.02 0.61
N CYS A 12 -2.74 6.86 0.51
CA CYS A 12 -1.88 7.01 1.70
C CYS A 12 -2.11 5.94 2.74
N LEU A 13 -2.74 4.81 2.37
CA LEU A 13 -3.04 3.78 3.35
C LEU A 13 -1.81 2.92 3.57
N ASN A 14 -1.46 2.68 4.85
CA ASN A 14 -0.34 1.82 5.17
C ASN A 14 -0.61 0.38 4.81
N ASN A 15 0.08 -0.22 3.82
CA ASN A 15 -0.15 -1.61 3.47
C ASN A 15 1.07 -2.47 3.73
N PHE A 16 0.85 -3.72 4.20
CA PHE A 16 1.93 -4.66 4.45
C PHE A 16 2.98 -4.67 3.34
N ARG A 17 4.28 -4.78 3.70
CA ARG A 17 5.32 -4.93 2.68
C ARG A 17 5.22 -6.21 1.89
N LYS A 18 4.65 -7.27 2.47
CA LYS A 18 4.45 -8.50 1.72
C LYS A 18 3.42 -8.34 0.66
N ARG A 19 2.70 -7.20 0.60
CA ARG A 19 1.66 -7.05 -0.41
C ARG A 19 2.25 -6.35 -1.60
N LEU A 20 1.50 -6.38 -2.73
CA LEU A 20 1.93 -5.71 -3.94
C LEU A 20 0.79 -4.89 -4.50
N LYS A 21 -0.18 -4.46 -3.68
CA LYS A 21 -1.28 -3.69 -4.24
C LYS A 21 -2.15 -3.19 -3.13
N CYS A 22 -2.47 -1.89 -3.12
CA CYS A 22 -3.20 -1.36 -1.99
C CYS A 22 -4.54 -2.04 -1.84
N PHE A 23 -4.88 -2.54 -0.64
CA PHE A 23 -6.18 -3.20 -0.46
C PHE A 23 -7.30 -2.21 -0.30
N ARG A 24 -6.97 -0.96 0.08
CA ARG A 24 -7.99 0.07 0.28
C ARG A 24 -8.52 0.57 -1.05
N CYS A 25 -7.70 1.23 -1.90
CA CYS A 25 -8.19 1.72 -3.18
C CYS A 25 -8.10 0.61 -4.19
N GLY A 26 -7.31 -0.47 -3.96
CA GLY A 26 -7.20 -1.53 -4.97
C GLY A 26 -6.08 -1.27 -5.93
N ALA A 27 -5.49 -0.05 -5.95
CA ALA A 27 -4.48 0.27 -6.95
C ALA A 27 -3.12 -0.18 -6.51
N ASP A 28 -2.14 -0.19 -7.45
CA ASP A 28 -0.82 -0.68 -7.10
C ASP A 28 -0.11 0.29 -6.19
N LYS A 29 1.09 -0.05 -5.67
CA LYS A 29 1.78 0.83 -4.74
C LYS A 29 2.08 2.14 -5.41
N PHE A 30 2.74 2.09 -6.58
CA PHE A 30 3.09 3.31 -7.30
C PHE A 30 2.08 3.51 -8.39
N ASP A 31 0.87 2.91 -8.31
CA ASP A 31 -0.09 3.00 -9.40
C ASP A 31 0.33 2.36 -10.71
N NH2 A 32 1.62 2.24 -11.10
HN1 NH2 A 32 2.38 2.58 -10.57
HN2 NH2 A 32 1.81 1.80 -11.98
ZN ZN B . -4.36 2.90 -1.96
C ACE A 1 6.15 -1.84 14.20
O ACE A 1 6.91 -2.79 14.36
CH3 ACE A 1 5.87 -0.93 15.35
H1 ACE A 1 4.79 -0.94 15.58
H2 ACE A 1 6.18 0.10 15.10
H3 ACE A 1 6.42 -1.26 16.25
N LYS A 2 5.53 -1.57 13.04
CA LYS A 2 5.72 -2.44 11.89
C LYS A 2 6.68 -1.76 10.93
N PHE A 3 7.96 -2.15 10.95
CA PHE A 3 8.92 -1.57 10.01
C PHE A 3 8.92 -2.37 8.73
N GLU A 4 7.75 -2.63 8.11
CA GLU A 4 7.74 -3.42 6.89
C GLU A 4 6.46 -3.16 6.14
N ASP A 5 6.23 -1.88 5.75
CA ASP A 5 4.96 -1.53 5.12
C ASP A 5 5.16 -0.34 4.23
N TRP A 6 4.11 0.09 3.50
CA TRP A 6 4.23 1.27 2.66
C TRP A 6 2.94 2.02 2.66
N LEU A 7 2.98 3.32 2.27
CA LEU A 7 1.78 4.14 2.27
C LEU A 7 1.30 4.31 0.86
N CYS A 8 0.08 3.86 0.57
CA CYS A 8 -0.46 3.99 -0.78
C CYS A 8 -0.40 5.44 -1.33
N ASN A 9 -0.18 5.59 -2.65
CA ASN A 9 -0.10 6.93 -3.24
C ASN A 9 -1.45 7.38 -3.77
N LYS A 10 -2.56 6.90 -3.17
CA LYS A 10 -3.89 7.22 -3.65
C LYS A 10 -4.79 7.48 -2.45
N CYS A 11 -4.97 6.52 -1.57
CA CYS A 11 -5.73 6.69 -0.35
C CYS A 11 -4.84 6.97 0.87
N CYS A 12 -3.48 6.95 0.74
CA CYS A 12 -2.61 7.27 1.87
C CYS A 12 -2.74 6.28 2.99
N LEU A 13 -3.24 5.05 2.71
CA LEU A 13 -3.43 4.07 3.75
C LEU A 13 -2.23 3.15 3.78
N ASN A 14 -1.80 2.77 4.99
CA ASN A 14 -0.66 1.89 5.13
C ASN A 14 -0.98 0.50 4.63
N ASN A 15 0.03 -0.27 4.18
CA ASN A 15 -0.23 -1.62 3.69
C ASN A 15 0.99 -2.49 3.85
N PHE A 16 0.80 -3.75 4.29
CA PHE A 16 1.92 -4.64 4.53
C PHE A 16 2.84 -4.68 3.32
N ARG A 17 4.17 -4.66 3.51
CA ARG A 17 5.07 -4.83 2.37
C ARG A 17 4.82 -6.08 1.59
N LYS A 18 4.30 -7.11 2.26
CA LYS A 18 4.00 -8.35 1.57
C LYS A 18 2.90 -8.12 0.55
N ARG A 19 2.07 -7.07 0.73
CA ARG A 19 0.96 -6.85 -0.17
C ARG A 19 1.50 -6.38 -1.51
N LEU A 20 1.05 -6.98 -2.64
CA LEU A 20 1.41 -6.48 -3.97
C LEU A 20 0.50 -5.36 -4.41
N LYS A 21 -0.29 -4.73 -3.51
CA LYS A 21 -1.15 -3.64 -3.96
C LYS A 21 -1.87 -3.07 -2.78
N CYS A 22 -2.69 -2.04 -3.00
CA CYS A 22 -3.42 -1.44 -1.90
C CYS A 22 -4.72 -2.21 -1.60
N PHE A 23 -5.00 -2.53 -0.32
CA PHE A 23 -6.22 -3.24 0.04
C PHE A 23 -7.38 -2.30 0.33
N ARG A 24 -7.25 -1.02 -0.06
CA ARG A 24 -8.28 -0.01 0.14
C ARG A 24 -8.71 0.53 -1.20
N CYS A 25 -7.82 1.08 -2.02
CA CYS A 25 -8.17 1.52 -3.36
C CYS A 25 -7.78 0.49 -4.44
N GLY A 26 -6.96 -0.56 -4.14
CA GLY A 26 -6.55 -1.48 -5.19
C GLY A 26 -5.28 -1.04 -5.88
N ALA A 27 -4.98 0.27 -5.96
CA ALA A 27 -3.83 0.75 -6.69
C ALA A 27 -2.53 0.22 -6.12
N ASP A 28 -1.47 0.09 -6.96
CA ASP A 28 -0.22 -0.44 -6.47
C ASP A 28 0.69 0.66 -5.98
N LYS A 29 1.58 0.33 -5.02
CA LYS A 29 2.56 1.31 -4.57
C LYS A 29 3.44 1.78 -5.70
N PHE A 30 3.53 1.01 -6.81
CA PHE A 30 4.34 1.43 -7.94
C PHE A 30 3.45 2.13 -8.97
N ASP A 31 2.28 2.70 -8.56
CA ASP A 31 1.39 3.33 -9.53
C ASP A 31 1.26 4.80 -9.22
N NH2 A 32 0.52 5.23 -8.16
HN1 NH2 A 32 0.07 4.60 -7.53
HN2 NH2 A 32 0.46 6.21 -8.01
ZN ZN B . -4.54 2.77 -1.78
C ACE A 1 7.48 2.37 11.88
O ACE A 1 6.25 2.17 11.86
CH3 ACE A 1 8.09 3.15 13.01
H1 ACE A 1 8.59 4.04 12.62
H2 ACE A 1 8.82 2.54 13.54
H3 ACE A 1 7.30 3.45 13.71
N LYS A 2 8.34 1.94 10.95
CA LYS A 2 7.96 1.16 9.78
C LYS A 2 8.35 -0.31 10.00
N PHE A 3 7.40 -1.13 10.51
CA PHE A 3 7.64 -2.55 10.77
C PHE A 3 7.35 -3.40 9.53
N GLU A 4 8.08 -3.13 8.44
CA GLU A 4 7.95 -3.87 7.19
C GLU A 4 6.55 -3.60 6.60
N ASP A 5 6.29 -2.34 6.23
CA ASP A 5 5.02 -1.89 5.64
C ASP A 5 5.28 -0.73 4.67
N TRP A 6 4.23 -0.26 3.98
CA TRP A 6 4.26 0.90 3.08
C TRP A 6 2.90 1.61 3.09
N LEU A 7 2.84 2.82 2.53
CA LEU A 7 1.62 3.64 2.48
C LEU A 7 1.26 3.93 1.02
N CYS A 8 -0.02 3.78 0.67
CA CYS A 8 -0.52 3.99 -0.68
C CYS A 8 -0.36 5.47 -1.08
N ASN A 9 0.07 5.71 -2.31
CA ASN A 9 0.28 7.05 -2.85
C ASN A 9 -1.02 7.67 -3.41
N LYS A 10 -2.19 7.16 -3.00
CA LYS A 10 -3.49 7.59 -3.49
C LYS A 10 -4.41 7.87 -2.31
N CYS A 11 -4.74 6.83 -1.52
CA CYS A 11 -5.60 6.93 -0.35
C CYS A 11 -4.83 7.09 0.97
N CYS A 12 -3.49 7.02 0.94
CA CYS A 12 -2.62 7.14 2.10
C CYS A 12 -2.79 5.98 3.11
N LEU A 13 -3.40 4.85 2.71
CA LEU A 13 -3.64 3.69 3.56
C LEU A 13 -2.35 2.88 3.71
N ASN A 14 -2.02 2.46 4.94
CA ASN A 14 -0.91 1.54 5.18
C ASN A 14 -1.24 0.11 4.71
N ASN A 15 -0.20 -0.68 4.39
CA ASN A 15 -0.31 -2.05 3.93
C ASN A 15 0.99 -2.82 4.20
N PHE A 16 0.88 -4.14 4.42
CA PHE A 16 2.02 -5.02 4.70
C PHE A 16 3.04 -4.98 3.55
N ARG A 17 4.33 -5.13 3.86
CA ARG A 17 5.37 -5.20 2.83
C ARG A 17 5.20 -6.41 1.91
N LYS A 18 4.66 -7.52 2.44
CA LYS A 18 4.29 -8.69 1.65
C LYS A 18 3.21 -8.37 0.61
N ARG A 19 2.32 -7.39 0.87
CA ARG A 19 1.25 -7.00 -0.05
C ARG A 19 1.82 -6.62 -1.42
N LEU A 20 0.94 -6.63 -2.42
CA LEU A 20 1.28 -6.29 -3.80
C LEU A 20 0.73 -4.91 -4.16
N LYS A 21 -0.53 -4.62 -3.80
CA LYS A 21 -1.24 -3.41 -4.17
C LYS A 21 -2.20 -3.04 -3.05
N CYS A 22 -2.63 -1.78 -3.06
CA CYS A 22 -3.50 -1.25 -2.04
C CYS A 22 -4.84 -1.96 -2.14
N PHE A 23 -5.26 -2.56 -1.02
CA PHE A 23 -6.52 -3.29 -0.97
C PHE A 23 -7.72 -2.33 -0.89
N ARG A 24 -7.50 -1.05 -0.56
CA ARG A 24 -8.54 -0.05 -0.43
C ARG A 24 -8.95 0.48 -1.81
N CYS A 25 -8.06 1.22 -2.50
CA CYS A 25 -8.32 1.79 -3.82
C CYS A 25 -8.07 0.79 -4.95
N GLY A 26 -7.28 -0.27 -4.70
CA GLY A 26 -6.91 -1.26 -5.70
C GLY A 26 -5.59 -0.93 -6.41
N ALA A 27 -5.13 0.33 -6.35
CA ALA A 27 -3.95 0.79 -7.08
C ALA A 27 -2.68 0.25 -6.42
N ASP A 28 -1.64 -0.01 -7.21
CA ASP A 28 -0.37 -0.51 -6.67
C ASP A 28 0.35 0.60 -5.91
N LYS A 29 1.18 0.21 -4.92
CA LYS A 29 2.09 1.13 -4.22
C LYS A 29 3.05 1.86 -5.18
N PHE A 30 3.27 1.31 -6.38
CA PHE A 30 4.14 1.90 -7.40
C PHE A 30 3.35 2.46 -8.59
N ASP A 31 2.05 2.75 -8.40
CA ASP A 31 1.12 3.21 -9.45
C ASP A 31 1.06 2.22 -10.57
N NH2 A 32 1.86 2.36 -11.61
HN1 NH2 A 32 2.52 3.14 -11.66
HN2 NH2 A 32 1.82 1.68 -12.38
ZN ZN B . -4.66 2.85 -1.88
C ACE A 1 8.57 2.35 10.25
O ACE A 1 8.51 2.64 11.43
CH3 ACE A 1 9.60 3.05 9.41
H1 ACE A 1 9.09 3.64 8.62
H2 ACE A 1 10.26 2.32 8.92
H3 ACE A 1 10.21 3.74 10.02
N LYS A 2 7.79 1.43 9.65
CA LYS A 2 6.73 0.74 10.39
C LYS A 2 7.08 -0.73 10.48
N PHE A 3 6.14 -1.56 10.98
CA PHE A 3 6.37 -3.00 11.07
C PHE A 3 6.30 -3.65 9.71
N GLU A 4 7.17 -3.26 8.76
CA GLU A 4 7.18 -3.92 7.45
C GLU A 4 5.94 -3.52 6.67
N ASP A 5 5.78 -2.22 6.34
CA ASP A 5 4.59 -1.80 5.59
C ASP A 5 4.93 -0.60 4.75
N TRP A 6 4.02 -0.13 3.87
CA TRP A 6 4.28 1.06 3.07
C TRP A 6 3.02 1.86 2.89
N LEU A 7 3.13 3.16 2.51
CA LEU A 7 1.94 4.02 2.41
C LEU A 7 1.54 4.19 0.98
N CYS A 8 0.24 4.04 0.63
CA CYS A 8 -0.14 4.15 -0.78
C CYS A 8 0.01 5.56 -1.29
N ASN A 9 0.25 5.73 -2.61
CA ASN A 9 0.40 7.07 -3.19
C ASN A 9 -0.93 7.54 -3.76
N LYS A 10 -2.07 7.06 -3.20
CA LYS A 10 -3.40 7.43 -3.69
C LYS A 10 -4.35 7.63 -2.54
N CYS A 11 -4.47 6.66 -1.61
CA CYS A 11 -5.26 6.86 -0.40
C CYS A 11 -4.40 6.98 0.83
N CYS A 12 -3.04 6.93 0.74
CA CYS A 12 -2.22 7.09 1.94
C CYS A 12 -2.41 5.99 2.95
N LEU A 13 -2.97 4.83 2.54
CA LEU A 13 -3.24 3.77 3.50
C LEU A 13 -2.04 2.87 3.66
N ASN A 14 -1.79 2.44 4.92
CA ASN A 14 -0.61 1.64 5.20
C ASN A 14 -0.84 0.21 4.79
N ASN A 15 -0.02 -0.35 3.87
CA ASN A 15 -0.22 -1.73 3.45
C ASN A 15 0.96 -2.61 3.75
N PHE A 16 0.67 -3.91 3.99
CA PHE A 16 1.73 -4.84 4.35
C PHE A 16 2.86 -4.79 3.35
N ARG A 17 4.10 -5.03 3.80
CA ARG A 17 5.22 -5.05 2.86
C ARG A 17 5.12 -6.18 1.86
N LYS A 18 4.45 -7.28 2.24
CA LYS A 18 4.19 -8.37 1.32
C LYS A 18 3.08 -8.03 0.36
N ARG A 19 2.36 -6.90 0.50
CA ARG A 19 1.22 -6.67 -0.37
C ARG A 19 1.73 -6.24 -1.72
N LEU A 20 1.19 -6.79 -2.83
CA LEU A 20 1.60 -6.34 -4.14
C LEU A 20 0.88 -5.06 -4.49
N LYS A 21 -0.29 -4.77 -3.89
CA LYS A 21 -1.00 -3.57 -4.26
C LYS A 21 -1.80 -3.09 -3.09
N CYS A 22 -2.28 -1.84 -3.15
CA CYS A 22 -3.00 -1.30 -2.03
C CYS A 22 -4.23 -2.14 -1.74
N PHE A 23 -4.40 -2.63 -0.48
CA PHE A 23 -5.58 -3.43 -0.17
C PHE A 23 -6.81 -2.58 0.04
N ARG A 24 -6.66 -1.23 0.03
CA ARG A 24 -7.77 -0.32 0.26
C ARG A 24 -8.31 0.20 -1.04
N CYS A 25 -7.54 0.97 -1.84
CA CYS A 25 -8.05 1.48 -3.09
C CYS A 25 -7.86 0.42 -4.16
N GLY A 26 -6.99 -0.60 -3.94
CA GLY A 26 -6.77 -1.59 -4.97
C GLY A 26 -5.56 -1.25 -5.81
N ALA A 27 -5.24 0.06 -5.95
CA ALA A 27 -4.20 0.48 -6.87
C ALA A 27 -2.83 0.06 -6.39
N ASP A 28 -1.86 -0.10 -7.31
CA ASP A 28 -0.56 -0.57 -6.88
C ASP A 28 0.16 0.48 -6.06
N LYS A 29 1.12 0.09 -5.20
CA LYS A 29 1.90 1.08 -4.47
C LYS A 29 2.59 2.03 -5.42
N PHE A 30 2.85 1.62 -6.69
CA PHE A 30 3.50 2.50 -7.66
C PHE A 30 2.52 2.92 -8.73
N ASP A 31 1.21 2.74 -8.53
CA ASP A 31 0.26 3.17 -9.54
C ASP A 31 -1.05 3.50 -8.86
N NH2 A 32 -1.04 3.90 -7.57
HN1 NH2 A 32 -0.22 4.11 -7.04
HN2 NH2 A 32 -1.91 3.92 -7.13
ZN ZN B . -4.36 2.97 -1.90
C ACE A 1 5.27 1.24 11.29
O ACE A 1 4.53 0.74 10.46
CH3 ACE A 1 4.67 1.71 12.58
H1 ACE A 1 4.81 2.80 12.67
H2 ACE A 1 5.16 1.20 13.42
H3 ACE A 1 3.59 1.48 12.59
N LYS A 2 6.60 1.38 11.10
CA LYS A 2 7.20 0.98 9.82
C LYS A 2 7.59 -0.48 9.88
N PHE A 3 6.66 -1.36 10.29
CA PHE A 3 7.03 -2.76 10.48
C PHE A 3 6.92 -3.47 9.15
N GLU A 4 7.78 -3.06 8.19
CA GLU A 4 7.78 -3.70 6.88
C GLU A 4 6.46 -3.42 6.19
N ASP A 5 6.22 -2.14 5.83
CA ASP A 5 4.97 -1.78 5.17
C ASP A 5 5.17 -0.55 4.33
N TRP A 6 4.11 -0.10 3.62
CA TRP A 6 4.22 1.11 2.81
C TRP A 6 2.91 1.85 2.84
N LEU A 7 2.93 3.14 2.43
CA LEU A 7 1.73 3.97 2.46
C LEU A 7 1.29 4.23 1.05
N CYS A 8 0.02 3.94 0.74
CA CYS A 8 -0.42 4.14 -0.63
C CYS A 8 -0.33 5.58 -1.07
N ASN A 9 -0.14 5.82 -2.39
CA ASN A 9 -0.03 7.20 -2.90
C ASN A 9 -1.36 7.70 -3.40
N LYS A 10 -2.49 7.16 -2.89
CA LYS A 10 -3.82 7.53 -3.37
C LYS A 10 -4.73 7.68 -2.18
N CYS A 11 -4.92 6.62 -1.36
CA CYS A 11 -5.70 6.76 -0.15
C CYS A 11 -4.84 6.88 1.10
N CYS A 12 -3.49 6.87 0.99
CA CYS A 12 -2.64 7.07 2.17
C CYS A 12 -2.79 5.96 3.19
N LEU A 13 -3.32 4.79 2.78
CA LEU A 13 -3.53 3.70 3.73
C LEU A 13 -2.26 2.88 3.81
N ASN A 14 -1.91 2.46 5.04
CA ASN A 14 -0.75 1.61 5.22
C ASN A 14 -1.02 0.20 4.70
N ASN A 15 0.02 -0.51 4.23
CA ASN A 15 -0.17 -1.89 3.78
C ASN A 15 1.10 -2.68 3.94
N PHE A 16 0.99 -3.96 4.35
CA PHE A 16 2.17 -4.79 4.58
C PHE A 16 3.10 -4.77 3.38
N ARG A 17 4.42 -4.90 3.61
CA ARG A 17 5.36 -4.98 2.49
C ARG A 17 5.11 -6.19 1.63
N LYS A 18 4.60 -7.27 2.25
CA LYS A 18 4.29 -8.46 1.49
C LYS A 18 3.18 -8.18 0.50
N ARG A 19 2.31 -7.18 0.77
CA ARG A 19 1.19 -6.92 -0.11
C ARG A 19 1.70 -6.64 -1.51
N LEU A 20 0.84 -6.85 -2.53
CA LEU A 20 1.16 -6.50 -3.91
C LEU A 20 0.33 -5.36 -4.41
N LYS A 21 -0.70 -4.89 -3.67
CA LYS A 21 -1.49 -3.79 -4.18
C LYS A 21 -2.39 -3.30 -3.07
N CYS A 22 -2.76 -2.01 -3.11
CA CYS A 22 -3.50 -1.46 -1.98
C CYS A 22 -4.80 -2.19 -1.81
N PHE A 23 -5.17 -2.59 -0.56
CA PHE A 23 -6.43 -3.32 -0.36
C PHE A 23 -7.57 -2.35 -0.10
N ARG A 24 -7.37 -1.03 -0.30
CA ARG A 24 -8.43 -0.04 -0.09
C ARG A 24 -8.79 0.58 -1.41
N CYS A 25 -7.83 1.16 -2.14
CA CYS A 25 -8.15 1.72 -3.44
C CYS A 25 -7.74 0.77 -4.57
N GLY A 26 -6.98 -0.33 -4.33
CA GLY A 26 -6.59 -1.20 -5.43
C GLY A 26 -5.26 -0.79 -6.04
N ALA A 27 -4.93 0.51 -6.08
CA ALA A 27 -3.70 0.96 -6.73
C ALA A 27 -2.49 0.34 -6.09
N ASP A 28 -1.38 0.15 -6.86
CA ASP A 28 -0.20 -0.46 -6.27
C ASP A 28 0.77 0.58 -5.78
N LYS A 29 1.61 0.22 -4.79
CA LYS A 29 2.62 1.16 -4.32
C LYS A 29 3.54 1.63 -5.42
N PHE A 30 3.67 0.87 -6.53
CA PHE A 30 4.49 1.30 -7.66
C PHE A 30 3.61 1.82 -8.77
N ASP A 31 2.33 2.18 -8.51
CA ASP A 31 1.48 2.71 -9.56
C ASP A 31 0.37 3.57 -8.97
N NH2 A 32 0.57 4.26 -7.83
HN1 NH2 A 32 1.45 4.28 -7.35
HN2 NH2 A 32 -0.20 4.78 -7.45
ZN ZN B . -4.57 2.90 -1.71
C ACE A 1 5.93 -2.05 14.29
O ACE A 1 6.69 -2.99 14.49
CH3 ACE A 1 5.55 -1.19 15.46
H1 ACE A 1 4.46 -1.24 15.61
H2 ACE A 1 5.83 -0.14 15.25
H3 ACE A 1 6.05 -1.53 16.37
N LYS A 2 5.39 -1.75 13.10
CA LYS A 2 5.65 -2.59 11.93
C LYS A 2 6.66 -1.88 11.07
N PHE A 3 7.94 -2.29 11.10
CA PHE A 3 8.95 -1.60 10.30
C PHE A 3 9.07 -2.31 8.97
N GLU A 4 7.94 -2.57 8.27
CA GLU A 4 8.02 -3.32 7.04
C GLU A 4 6.73 -3.14 6.27
N ASP A 5 6.45 -1.87 5.86
CA ASP A 5 5.20 -1.56 5.19
C ASP A 5 5.38 -0.37 4.29
N TRP A 6 4.33 0.04 3.55
CA TRP A 6 4.44 1.20 2.68
C TRP A 6 3.13 1.96 2.69
N LEU A 7 3.12 3.21 2.18
CA LEU A 7 1.92 4.04 2.23
C LEU A 7 1.42 4.25 0.83
N CYS A 8 0.13 3.97 0.55
CA CYS A 8 -0.33 4.11 -0.83
C CYS A 8 -0.15 5.51 -1.33
N ASN A 9 0.00 5.68 -2.67
CA ASN A 9 0.18 7.01 -3.24
C ASN A 9 -1.14 7.57 -3.73
N LYS A 10 -2.28 7.04 -3.23
CA LYS A 10 -3.60 7.49 -3.66
C LYS A 10 -4.45 7.74 -2.45
N CYS A 11 -4.70 6.71 -1.62
CA CYS A 11 -5.46 6.91 -0.40
C CYS A 11 -4.58 7.05 0.82
N CYS A 12 -3.24 7.00 0.70
CA CYS A 12 -2.39 7.14 1.88
C CYS A 12 -2.56 6.05 2.90
N LEU A 13 -3.19 4.91 2.53
CA LEU A 13 -3.46 3.84 3.48
C LEU A 13 -2.19 3.02 3.62
N ASN A 14 -1.76 2.75 4.88
CA ASN A 14 -0.59 1.92 5.08
C ASN A 14 -0.84 0.48 4.70
N ASN A 15 0.20 -0.25 4.24
CA ASN A 15 0.01 -1.65 3.89
C ASN A 15 1.27 -2.46 4.03
N PHE A 16 1.16 -3.70 4.56
CA PHE A 16 2.35 -4.50 4.83
C PHE A 16 3.19 -4.67 3.59
N ARG A 17 4.53 -4.76 3.73
CA ARG A 17 5.35 -4.93 2.53
C ARG A 17 5.03 -6.19 1.79
N LYS A 18 4.56 -7.21 2.52
CA LYS A 18 4.20 -8.46 1.86
C LYS A 18 3.12 -8.21 0.83
N ARG A 19 2.32 -7.14 0.98
CA ARG A 19 1.21 -6.91 0.05
C ARG A 19 1.78 -6.61 -1.32
N LEU A 20 0.95 -6.75 -2.38
CA LEU A 20 1.35 -6.34 -3.74
C LEU A 20 0.50 -5.21 -4.26
N LYS A 21 -0.45 -4.65 -3.50
CA LYS A 21 -1.21 -3.55 -4.03
C LYS A 21 -2.17 -3.10 -2.97
N CYS A 22 -2.64 -1.85 -3.07
CA CYS A 22 -3.47 -1.33 -2.00
C CYS A 22 -4.78 -2.07 -1.95
N PHE A 23 -5.17 -2.61 -0.77
CA PHE A 23 -6.42 -3.34 -0.69
C PHE A 23 -7.61 -2.40 -0.58
N ARG A 24 -7.39 -1.08 -0.41
CA ARG A 24 -8.48 -0.12 -0.27
C ARG A 24 -8.88 0.41 -1.62
N CYS A 25 -7.98 1.12 -2.34
CA CYS A 25 -8.34 1.64 -3.65
C CYS A 25 -8.07 0.60 -4.70
N GLY A 26 -7.27 -0.46 -4.43
CA GLY A 26 -6.96 -1.45 -5.46
C GLY A 26 -5.69 -1.09 -6.19
N ALA A 27 -5.25 0.19 -6.15
CA ALA A 27 -4.11 0.60 -6.96
C ALA A 27 -2.83 0.09 -6.36
N ASP A 28 -1.79 -0.12 -7.19
CA ASP A 28 -0.54 -0.61 -6.66
C ASP A 28 0.23 0.47 -5.94
N LYS A 29 1.11 0.09 -4.98
CA LYS A 29 1.98 1.08 -4.33
C LYS A 29 2.83 1.84 -5.32
N PHE A 30 3.07 1.31 -6.55
CA PHE A 30 3.85 2.01 -7.56
C PHE A 30 2.93 2.57 -8.62
N ASP A 31 1.62 2.75 -8.35
CA ASP A 31 0.71 3.29 -9.35
C ASP A 31 0.61 4.79 -9.26
N NH2 A 32 0.75 5.41 -8.07
HN1 NH2 A 32 0.94 4.90 -7.23
HN2 NH2 A 32 0.69 6.40 -8.04
ZN ZN B . -4.56 2.90 -1.85
C ACE A 1 6.56 1.38 12.24
O ACE A 1 5.48 0.90 11.95
CH3 ACE A 1 6.74 2.09 13.55
H1 ACE A 1 7.04 3.12 13.37
H2 ACE A 1 7.53 1.58 14.14
H3 ACE A 1 5.81 2.08 14.13
N LYS A 2 7.64 1.32 11.44
CA LYS A 2 7.53 0.70 10.13
C LYS A 2 7.73 -0.79 10.26
N PHE A 3 6.65 -1.58 10.43
CA PHE A 3 6.79 -3.03 10.57
C PHE A 3 6.75 -3.69 9.21
N GLU A 4 7.62 -3.24 8.28
CA GLU A 4 7.65 -3.85 6.96
C GLU A 4 6.39 -3.54 6.21
N ASP A 5 6.18 -2.24 5.88
CA ASP A 5 4.96 -1.83 5.19
C ASP A 5 5.23 -0.61 4.35
N TRP A 6 4.20 -0.11 3.64
CA TRP A 6 4.36 1.10 2.85
C TRP A 6 3.07 1.88 2.83
N LEU A 7 3.16 3.16 2.41
CA LEU A 7 2.01 4.05 2.39
C LEU A 7 1.55 4.28 0.98
N CYS A 8 0.24 4.07 0.70
CA CYS A 8 -0.26 4.32 -0.64
C CYS A 8 -0.29 5.79 -0.97
N ASN A 9 0.00 6.15 -2.25
CA ASN A 9 -0.02 7.54 -2.70
C ASN A 9 -1.35 7.90 -3.33
N LYS A 10 -2.45 7.28 -2.85
CA LYS A 10 -3.76 7.55 -3.41
C LYS A 10 -4.79 7.61 -2.31
N CYS A 11 -4.95 6.54 -1.52
CA CYS A 11 -5.88 6.58 -0.38
C CYS A 11 -5.15 6.89 0.91
N CYS A 12 -3.80 7.04 0.89
CA CYS A 12 -3.10 7.39 2.11
C CYS A 12 -3.12 6.23 3.09
N LEU A 13 -3.52 5.01 2.65
CA LEU A 13 -3.67 3.90 3.57
C LEU A 13 -2.43 3.05 3.54
N ASN A 14 -1.95 2.65 4.74
CA ASN A 14 -0.74 1.84 4.82
C ASN A 14 -1.01 0.39 4.52
N ASN A 15 0.00 -0.33 3.98
CA ASN A 15 -0.20 -1.73 3.68
C ASN A 15 1.08 -2.51 3.86
N PHE A 16 0.92 -3.78 4.31
CA PHE A 16 2.08 -4.64 4.54
C PHE A 16 2.98 -4.70 3.33
N ARG A 17 4.30 -4.88 3.55
CA ARG A 17 5.21 -5.02 2.42
C ARG A 17 4.92 -6.22 1.57
N LYS A 18 4.29 -7.22 2.19
CA LYS A 18 3.87 -8.38 1.45
C LYS A 18 2.75 -8.09 0.48
N ARG A 19 2.03 -6.99 0.70
CA ARG A 19 0.89 -6.69 -0.17
C ARG A 19 1.42 -6.35 -1.55
N LEU A 20 0.92 -7.01 -2.61
CA LEU A 20 1.33 -6.68 -3.97
C LEU A 20 0.45 -5.57 -4.49
N LYS A 21 -0.45 -4.97 -3.67
CA LYS A 21 -1.27 -3.88 -4.17
C LYS A 21 -2.11 -3.36 -3.04
N CYS A 22 -2.43 -2.05 -3.11
CA CYS A 22 -3.20 -1.46 -2.03
C CYS A 22 -4.48 -2.21 -1.79
N PHE A 23 -4.78 -2.63 -0.55
CA PHE A 23 -6.03 -3.35 -0.28
C PHE A 23 -7.17 -2.40 0.00
N ARG A 24 -6.95 -1.08 -0.16
CA ARG A 24 -7.99 -0.08 0.07
C ARG A 24 -8.44 0.54 -1.22
N CYS A 25 -7.50 1.06 -2.04
CA CYS A 25 -7.88 1.60 -3.34
C CYS A 25 -7.63 0.60 -4.44
N GLY A 26 -6.84 -0.47 -4.21
CA GLY A 26 -6.55 -1.43 -5.27
C GLY A 26 -5.26 -1.08 -6.00
N ALA A 27 -4.93 0.22 -6.10
CA ALA A 27 -3.75 0.65 -6.84
C ALA A 27 -2.49 0.08 -6.25
N ASP A 28 -1.47 -0.16 -7.11
CA ASP A 28 -0.21 -0.69 -6.60
C ASP A 28 0.59 0.34 -5.85
N LYS A 29 1.47 -0.14 -4.95
CA LYS A 29 2.34 0.77 -4.24
C LYS A 29 3.22 1.57 -5.18
N PHE A 30 3.41 1.10 -6.44
CA PHE A 30 4.21 1.82 -7.40
C PHE A 30 3.33 2.33 -8.53
N ASP A 31 2.02 2.54 -8.30
CA ASP A 31 1.13 3.02 -9.37
C ASP A 31 0.62 4.38 -8.96
N NH2 A 32 -0.52 4.91 -9.44
HN1 NH2 A 32 -1.13 4.46 -10.09
HN2 NH2 A 32 -0.79 5.81 -9.11
ZN ZN B . -4.34 2.90 -1.87
C ACE A 1 6.62 2.08 12.24
O ACE A 1 5.44 1.89 11.96
CH3 ACE A 1 6.95 2.84 13.49
H1 ACE A 1 7.50 3.76 13.22
H2 ACE A 1 7.56 2.22 14.15
H3 ACE A 1 6.03 3.14 14.01
N LYS A 2 7.64 1.65 11.48
CA LYS A 2 7.39 0.95 10.21
C LYS A 2 7.63 -0.52 10.43
N PHE A 3 6.58 -1.34 10.64
CA PHE A 3 6.78 -2.77 10.85
C PHE A 3 6.72 -3.48 9.51
N GLU A 4 7.61 -3.11 8.58
CA GLU A 4 7.65 -3.80 7.29
C GLU A 4 6.36 -3.52 6.54
N ASP A 5 6.15 -2.24 6.16
CA ASP A 5 4.92 -1.85 5.48
C ASP A 5 5.20 -0.69 4.55
N TRP A 6 4.19 -0.21 3.79
CA TRP A 6 4.37 0.93 2.92
C TRP A 6 3.09 1.74 2.86
N LEU A 7 3.16 3.00 2.39
CA LEU A 7 1.99 3.86 2.35
C LEU A 7 1.53 4.02 0.92
N CYS A 8 0.27 3.71 0.60
CA CYS A 8 -0.16 3.83 -0.78
C CYS A 8 0.04 5.22 -1.34
N ASN A 9 0.24 5.34 -2.68
CA ASN A 9 0.45 6.66 -3.28
C ASN A 9 -0.85 7.22 -3.81
N LYS A 10 -2.00 6.79 -3.26
CA LYS A 10 -3.31 7.20 -3.76
C LYS A 10 -4.22 7.51 -2.58
N CYS A 11 -4.39 6.56 -1.63
CA CYS A 11 -5.11 6.86 -0.40
C CYS A 11 -4.22 6.96 0.82
N CYS A 12 -2.89 6.79 0.72
CA CYS A 12 -2.03 6.91 1.90
C CYS A 12 -2.28 5.86 2.96
N LEU A 13 -2.96 4.75 2.58
CA LEU A 13 -3.28 3.71 3.55
C LEU A 13 -2.04 2.86 3.76
N ASN A 14 -1.77 2.46 5.02
CA ASN A 14 -0.61 1.62 5.29
C ASN A 14 -0.87 0.21 4.84
N ASN A 15 0.14 -0.53 4.37
CA ASN A 15 -0.07 -1.91 3.95
C ASN A 15 1.16 -2.75 4.14
N PHE A 16 1.00 -4.04 4.50
CA PHE A 16 2.14 -4.90 4.78
C PHE A 16 3.10 -4.93 3.61
N ARG A 17 4.43 -5.04 3.88
CA ARG A 17 5.40 -5.18 2.80
C ARG A 17 5.22 -6.42 1.97
N LYS A 18 4.66 -7.49 2.56
CA LYS A 18 4.38 -8.67 1.76
C LYS A 18 3.41 -8.36 0.65
N ARG A 19 2.60 -7.29 0.77
CA ARG A 19 1.58 -7.06 -0.26
C ARG A 19 2.17 -6.28 -1.41
N LEU A 20 1.44 -6.22 -2.54
CA LEU A 20 1.91 -5.47 -3.70
C LEU A 20 0.79 -4.66 -4.31
N LYS A 21 -0.25 -4.28 -3.55
CA LYS A 21 -1.33 -3.54 -4.18
C LYS A 21 -2.30 -3.10 -3.12
N CYS A 22 -2.65 -1.81 -3.11
CA CYS A 22 -3.47 -1.34 -2.01
C CYS A 22 -4.84 -2.00 -2.04
N PHE A 23 -5.30 -2.55 -0.91
CA PHE A 23 -6.60 -3.21 -0.90
C PHE A 23 -7.73 -2.21 -0.82
N ARG A 24 -7.43 -0.96 -0.39
CA ARG A 24 -8.47 0.06 -0.26
C ARG A 24 -8.90 0.57 -1.61
N CYS A 25 -7.97 1.21 -2.38
CA CYS A 25 -8.33 1.75 -3.67
C CYS A 25 -8.15 0.67 -4.71
N GLY A 26 -7.36 -0.40 -4.44
CA GLY A 26 -7.14 -1.42 -5.45
C GLY A 26 -5.94 -1.08 -6.30
N ALA A 27 -5.31 0.10 -6.15
CA ALA A 27 -4.23 0.48 -7.05
C ALA A 27 -2.92 -0.04 -6.55
N ASP A 28 -1.88 -0.05 -7.43
CA ASP A 28 -0.61 -0.61 -7.03
C ASP A 28 0.08 0.32 -6.05
N LYS A 29 1.21 -0.09 -5.46
CA LYS A 29 1.89 0.74 -4.47
C LYS A 29 2.30 2.04 -5.11
N PHE A 30 3.02 1.98 -6.26
CA PHE A 30 3.47 3.20 -6.92
C PHE A 30 2.55 3.49 -8.07
N ASP A 31 1.30 2.97 -8.07
CA ASP A 31 0.39 3.16 -9.19
C ASP A 31 0.95 2.67 -10.52
N NH2 A 32 2.00 3.26 -11.10
HN1 NH2 A 32 2.48 4.03 -10.68
HN2 NH2 A 32 2.32 2.93 -11.99
ZN ZN B . -4.49 2.85 -1.80
C ACE A 1 5.22 1.18 11.29
O ACE A 1 4.53 0.55 10.51
CH3 ACE A 1 4.60 1.66 12.57
H1 ACE A 1 4.62 2.76 12.59
H2 ACE A 1 5.16 1.26 13.43
H3 ACE A 1 3.55 1.32 12.63
N LYS A 2 6.53 1.46 11.06
CA LYS A 2 7.16 1.03 9.81
C LYS A 2 7.57 -0.41 9.91
N PHE A 3 6.67 -1.32 10.32
CA PHE A 3 7.02 -2.73 10.50
C PHE A 3 6.93 -3.38 9.14
N GLU A 4 7.81 -2.99 8.20
CA GLU A 4 7.83 -3.65 6.90
C GLU A 4 6.52 -3.39 6.19
N ASP A 5 6.27 -2.12 5.83
CA ASP A 5 5.00 -1.77 5.18
C ASP A 5 5.19 -0.56 4.30
N TRP A 6 4.15 -0.13 3.57
CA TRP A 6 4.26 1.06 2.74
C TRP A 6 2.96 1.82 2.77
N LEU A 7 2.98 3.10 2.35
CA LEU A 7 1.78 3.93 2.38
C LEU A 7 1.32 4.18 0.97
N CYS A 8 0.06 3.89 0.66
CA CYS A 8 -0.40 4.08 -0.71
C CYS A 8 -0.29 5.52 -1.15
N ASN A 9 -0.09 5.78 -2.47
CA ASN A 9 0.01 7.16 -2.95
C ASN A 9 -1.33 7.70 -3.42
N LYS A 10 -2.45 7.14 -2.91
CA LYS A 10 -3.77 7.53 -3.38
C LYS A 10 -4.68 7.70 -2.18
N CYS A 11 -4.88 6.63 -1.38
CA CYS A 11 -5.65 6.76 -0.16
C CYS A 11 -4.77 6.89 1.07
N CYS A 12 -3.43 6.86 0.94
CA CYS A 12 -2.56 7.04 2.11
C CYS A 12 -2.71 5.94 3.13
N LEU A 13 -3.27 4.78 2.74
CA LEU A 13 -3.48 3.70 3.69
C LEU A 13 -2.22 2.88 3.78
N ASN A 14 -1.85 2.48 5.02
CA ASN A 14 -0.68 1.64 5.21
C ASN A 14 -0.96 0.22 4.75
N ASN A 15 0.08 -0.51 4.28
CA ASN A 15 -0.12 -1.89 3.86
C ASN A 15 1.16 -2.69 4.00
N PHE A 16 1.05 -3.97 4.40
CA PHE A 16 2.24 -4.78 4.65
C PHE A 16 3.16 -4.78 3.44
N ARG A 17 4.49 -4.94 3.63
CA ARG A 17 5.39 -5.02 2.48
C ARG A 17 5.22 -6.28 1.67
N LYS A 18 4.71 -7.33 2.31
CA LYS A 18 4.47 -8.58 1.60
C LYS A 18 3.32 -8.41 0.64
N ARG A 19 2.49 -7.36 0.83
CA ARG A 19 1.37 -7.16 -0.07
C ARG A 19 1.90 -6.82 -1.45
N LEU A 20 0.94 -6.74 -2.40
CA LEU A 20 1.23 -6.34 -3.78
C LEU A 20 0.56 -5.03 -4.10
N LYS A 21 -0.76 -4.85 -3.83
CA LYS A 21 -1.44 -3.63 -4.24
C LYS A 21 -2.32 -3.20 -3.13
N CYS A 22 -2.79 -1.94 -3.17
CA CYS A 22 -3.56 -1.44 -2.06
C CYS A 22 -4.88 -2.16 -1.94
N PHE A 23 -5.26 -2.61 -0.72
CA PHE A 23 -6.54 -3.30 -0.56
C PHE A 23 -7.67 -2.34 -0.27
N ARG A 24 -7.42 -1.01 -0.34
CA ARG A 24 -8.45 -0.01 -0.10
C ARG A 24 -8.82 0.64 -1.41
N CYS A 25 -7.86 1.22 -2.15
CA CYS A 25 -8.19 1.81 -3.44
C CYS A 25 -7.83 0.88 -4.59
N GLY A 26 -7.08 -0.23 -4.39
CA GLY A 26 -6.72 -1.09 -5.52
C GLY A 26 -5.40 -0.70 -6.15
N ALA A 27 -5.04 0.61 -6.16
CA ALA A 27 -3.83 1.05 -6.81
C ALA A 27 -2.61 0.37 -6.27
N ASP A 28 -1.56 0.19 -7.09
CA ASP A 28 -0.38 -0.53 -6.62
C ASP A 28 0.49 0.39 -5.79
N LYS A 29 1.31 -0.16 -4.88
CA LYS A 29 2.23 0.69 -4.14
C LYS A 29 3.24 1.36 -5.04
N PHE A 30 3.45 0.85 -6.27
CA PHE A 30 4.37 1.49 -7.20
C PHE A 30 3.60 2.02 -8.39
N ASP A 31 2.30 2.37 -8.23
CA ASP A 31 1.55 2.85 -9.38
C ASP A 31 0.40 3.69 -8.87
N NH2 A 32 0.29 4.99 -9.23
HN1 NH2 A 32 0.94 5.42 -9.85
HN2 NH2 A 32 -0.46 5.52 -8.86
ZN ZN B . -4.55 2.89 -1.73
C ACE A 1 5.06 -2.93 14.16
O ACE A 1 5.60 -4.02 14.24
CH3 ACE A 1 4.68 -2.21 15.43
H1 ACE A 1 3.59 -2.05 15.46
H2 ACE A 1 5.19 -1.23 15.47
H3 ACE A 1 4.99 -2.81 16.30
N LYS A 2 4.75 -2.32 13.00
CA LYS A 2 5.01 -2.99 11.73
C LYS A 2 6.25 -2.38 11.13
N PHE A 3 7.44 -2.99 11.27
CA PHE A 3 8.64 -2.39 10.69
C PHE A 3 8.85 -2.88 9.29
N GLU A 4 7.79 -2.80 8.43
CA GLU A 4 7.92 -3.29 7.06
C GLU A 4 6.62 -2.99 6.34
N ASP A 5 6.41 -1.73 5.91
CA ASP A 5 5.17 -1.38 5.22
C ASP A 5 5.39 -0.22 4.29
N TRP A 6 4.35 0.19 3.54
CA TRP A 6 4.47 1.32 2.64
C TRP A 6 3.17 2.08 2.63
N LEU A 7 3.19 3.33 2.11
CA LEU A 7 1.99 4.16 2.11
C LEU A 7 1.49 4.31 0.70
N CYS A 8 0.18 4.12 0.45
CA CYS A 8 -0.29 4.20 -0.92
C CYS A 8 -0.15 5.58 -1.50
N ASN A 9 -0.03 5.70 -2.84
CA ASN A 9 0.12 7.01 -3.48
C ASN A 9 -1.22 7.52 -3.96
N LYS A 10 -2.34 7.05 -3.37
CA LYS A 10 -3.68 7.41 -3.82
C LYS A 10 -4.55 7.67 -2.62
N CYS A 11 -4.70 6.68 -1.71
CA CYS A 11 -5.43 6.93 -0.47
C CYS A 11 -4.50 7.13 0.73
N CYS A 12 -3.16 7.05 0.59
CA CYS A 12 -2.28 7.27 1.74
C CYS A 12 -2.44 6.22 2.83
N LEU A 13 -3.06 5.06 2.50
CA LEU A 13 -3.30 4.03 3.50
C LEU A 13 -2.03 3.22 3.65
N ASN A 14 -1.70 2.80 4.88
CA ASN A 14 -0.50 1.99 5.09
C ASN A 14 -0.75 0.57 4.64
N ASN A 15 0.30 -0.18 4.21
CA ASN A 15 0.10 -1.57 3.82
C ASN A 15 1.35 -2.39 4.00
N PHE A 16 1.21 -3.69 4.32
CA PHE A 16 2.37 -4.52 4.67
C PHE A 16 3.36 -4.54 3.52
N ARG A 17 4.68 -4.62 3.81
CA ARG A 17 5.66 -4.78 2.73
C ARG A 17 5.42 -5.99 1.86
N LYS A 18 4.82 -7.04 2.42
CA LYS A 18 4.56 -8.24 1.65
C LYS A 18 3.43 -8.01 0.66
N ARG A 19 2.58 -6.99 0.91
CA ARG A 19 1.43 -6.79 0.06
C ARG A 19 1.90 -6.50 -1.36
N LEU A 20 1.00 -6.68 -2.34
CA LEU A 20 1.28 -6.32 -3.72
C LEU A 20 0.58 -5.05 -4.12
N LYS A 21 -0.62 -4.74 -3.56
CA LYS A 21 -1.31 -3.56 -4.02
C LYS A 21 -2.23 -3.10 -2.94
N CYS A 22 -2.64 -1.83 -3.00
CA CYS A 22 -3.40 -1.30 -1.90
C CYS A 22 -4.71 -2.03 -1.79
N PHE A 23 -5.04 -2.54 -0.58
CA PHE A 23 -6.29 -3.28 -0.42
C PHE A 23 -7.48 -2.35 -0.29
N ARG A 24 -7.26 -1.02 -0.26
CA ARG A 24 -8.36 -0.07 -0.09
C ARG A 24 -8.84 0.40 -1.44
N CYS A 25 -7.96 1.07 -2.22
CA CYS A 25 -8.36 1.57 -3.53
C CYS A 25 -8.11 0.48 -4.55
N GLY A 26 -7.27 -0.55 -4.26
CA GLY A 26 -6.99 -1.56 -5.26
C GLY A 26 -5.76 -1.20 -6.05
N ALA A 27 -5.30 0.07 -6.02
CA ALA A 27 -4.21 0.49 -6.89
C ALA A 27 -2.89 0.00 -6.35
N ASP A 28 -1.91 -0.21 -7.23
CA ASP A 28 -0.63 -0.74 -6.77
C ASP A 28 0.15 0.33 -6.04
N LYS A 29 1.05 -0.06 -5.11
CA LYS A 29 1.90 0.93 -4.46
C LYS A 29 2.73 1.69 -5.46
N PHE A 30 2.94 1.15 -6.68
CA PHE A 30 3.70 1.86 -7.71
C PHE A 30 2.74 2.53 -8.67
N ASP A 31 1.48 2.82 -8.27
CA ASP A 31 0.55 3.43 -9.22
C ASP A 31 -0.40 4.35 -8.49
N NH2 A 32 -1.33 3.83 -7.66
HN1 NH2 A 32 -1.38 2.85 -7.48
HN2 NH2 A 32 -1.97 4.44 -7.20
ZN ZN B . -4.50 2.90 -1.76
C ACE A 1 3.83 -0.01 11.57
O ACE A 1 4.19 0.36 12.68
CH3 ACE A 1 2.66 0.67 10.93
H1 ACE A 1 1.85 -0.06 10.77
H2 ACE A 1 2.96 1.11 9.97
H3 ACE A 1 2.29 1.48 11.59
N LYS A 2 4.43 -1.01 10.89
CA LYS A 2 5.55 -1.74 11.47
C LYS A 2 6.79 -1.46 10.65
N PHE A 3 7.87 -2.24 10.84
CA PHE A 3 9.10 -2.04 10.08
C PHE A 3 9.05 -2.83 8.79
N GLU A 4 7.89 -2.93 8.11
CA GLU A 4 7.81 -3.72 6.89
C GLU A 4 6.51 -3.42 6.19
N ASP A 5 6.32 -2.15 5.76
CA ASP A 5 5.03 -1.76 5.19
C ASP A 5 5.21 -0.55 4.32
N TRP A 6 4.14 0.01 3.71
CA TRP A 6 4.31 1.20 2.87
C TRP A 6 3.01 1.96 2.81
N LEU A 7 3.04 3.22 2.33
CA LEU A 7 1.83 4.05 2.32
C LEU A 7 1.40 4.29 0.91
N CYS A 8 0.10 4.11 0.61
CA CYS A 8 -0.32 4.28 -0.77
C CYS A 8 -0.28 5.74 -1.16
N ASN A 9 -0.05 6.02 -2.47
CA ASN A 9 -0.01 7.39 -2.96
C ASN A 9 -1.34 7.79 -3.55
N LYS A 10 -2.46 7.24 -3.03
CA LYS A 10 -3.78 7.54 -3.57
C LYS A 10 -4.78 7.64 -2.44
N CYS A 11 -4.95 6.57 -1.63
CA CYS A 11 -5.80 6.68 -0.44
C CYS A 11 -4.98 6.92 0.82
N CYS A 12 -3.63 7.00 0.75
CA CYS A 12 -2.84 7.30 1.94
C CYS A 12 -2.94 6.20 2.97
N LEU A 13 -3.36 4.99 2.57
CA LEU A 13 -3.52 3.91 3.54
C LEU A 13 -2.24 3.13 3.63
N ASN A 14 -1.82 2.80 4.88
CA ASN A 14 -0.64 2.00 5.12
C ASN A 14 -0.87 0.53 4.86
N ASN A 15 -0.23 -0.10 3.86
CA ASN A 15 -0.48 -1.51 3.59
C ASN A 15 0.79 -2.30 3.85
N PHE A 16 0.63 -3.58 4.22
CA PHE A 16 1.80 -4.38 4.57
C PHE A 16 2.72 -4.52 3.38
N ARG A 17 4.02 -4.81 3.61
CA ARG A 17 4.93 -5.00 2.48
C ARG A 17 4.58 -6.21 1.68
N LYS A 18 4.08 -7.26 2.36
CA LYS A 18 3.62 -8.42 1.61
C LYS A 18 2.54 -8.06 0.61
N ARG A 19 1.82 -6.95 0.80
CA ARG A 19 0.76 -6.60 -0.14
C ARG A 19 1.40 -6.07 -1.40
N LEU A 20 1.34 -6.83 -2.51
CA LEU A 20 1.83 -6.31 -3.79
C LEU A 20 1.19 -4.99 -4.14
N LYS A 21 -0.09 -4.82 -3.77
CA LYS A 21 -0.85 -3.63 -4.15
C LYS A 21 -1.65 -3.12 -2.99
N CYS A 22 -2.36 -2.00 -3.14
CA CYS A 22 -3.08 -1.45 -2.01
C CYS A 22 -4.35 -2.23 -1.70
N PHE A 23 -4.62 -2.55 -0.41
CA PHE A 23 -5.84 -3.28 -0.07
C PHE A 23 -7.00 -2.36 0.21
N ARG A 24 -6.84 -1.04 -0.04
CA ARG A 24 -7.87 -0.06 0.23
C ARG A 24 -8.37 0.51 -1.07
N CYS A 25 -7.49 1.07 -1.91
CA CYS A 25 -7.93 1.55 -3.21
C CYS A 25 -7.67 0.54 -4.30
N GLY A 26 -6.87 -0.54 -4.08
CA GLY A 26 -6.58 -1.48 -5.16
C GLY A 26 -5.31 -1.12 -5.90
N ALA A 27 -5.05 0.19 -6.11
CA ALA A 27 -3.89 0.61 -6.89
C ALA A 27 -2.60 0.03 -6.37
N ASP A 28 -1.62 -0.22 -7.26
CA ASP A 28 -0.36 -0.78 -6.81
C ASP A 28 0.46 0.22 -6.01
N LYS A 29 1.34 -0.26 -5.11
CA LYS A 29 2.21 0.65 -4.40
C LYS A 29 3.09 1.45 -5.34
N PHE A 30 3.32 0.97 -6.57
CA PHE A 30 4.14 1.70 -7.53
C PHE A 30 3.26 2.27 -8.61
N ASP A 31 1.96 2.52 -8.37
CA ASP A 31 1.09 3.03 -9.43
C ASP A 31 0.20 4.10 -8.83
N NH2 A 32 0.42 5.39 -9.13
HN1 NH2 A 32 1.15 5.67 -9.76
HN2 NH2 A 32 -0.16 6.09 -8.72
ZN ZN B . -4.35 2.87 -1.91
C ACE A 1 4.93 1.11 11.48
O ACE A 1 4.25 0.48 10.68
CH3 ACE A 1 4.25 1.63 12.71
H1 ACE A 1 4.27 2.74 12.70
H2 ACE A 1 4.77 1.27 13.61
H3 ACE A 1 3.20 1.31 12.74
N LYS A 2 6.25 1.33 11.31
CA LYS A 2 6.90 0.90 10.07
C LYS A 2 7.24 -0.57 10.16
N PHE A 3 6.25 -1.43 10.50
CA PHE A 3 6.54 -2.84 10.70
C PHE A 3 6.49 -3.52 9.36
N GLU A 4 7.42 -3.15 8.45
CA GLU A 4 7.47 -3.80 7.15
C GLU A 4 6.22 -3.50 6.37
N ASP A 5 6.02 -2.21 6.01
CA ASP A 5 4.82 -1.81 5.28
C ASP A 5 5.13 -0.61 4.42
N TRP A 6 4.15 -0.14 3.62
CA TRP A 6 4.35 1.03 2.78
C TRP A 6 3.09 1.86 2.75
N LEU A 7 3.21 3.14 2.33
CA LEU A 7 2.05 4.03 2.29
C LEU A 7 1.56 4.15 0.88
N CYS A 8 0.24 3.97 0.63
CA CYS A 8 -0.24 4.07 -0.73
C CYS A 8 -0.14 5.47 -1.29
N ASN A 9 0.03 5.62 -2.62
CA ASN A 9 0.11 6.96 -3.21
C ASN A 9 -1.24 7.42 -3.71
N LYS A 10 -2.34 6.90 -3.13
CA LYS A 10 -3.68 7.25 -3.58
C LYS A 10 -4.55 7.51 -2.37
N CYS A 11 -4.71 6.52 -1.47
CA CYS A 11 -5.47 6.73 -0.24
C CYS A 11 -4.57 6.90 0.97
N CYS A 12 -3.23 6.87 0.83
CA CYS A 12 -2.35 7.12 1.97
C CYS A 12 -2.48 6.07 3.06
N LEU A 13 -3.04 4.88 2.75
CA LEU A 13 -3.22 3.85 3.77
C LEU A 13 -1.98 3.01 3.87
N ASN A 14 -1.69 2.51 5.08
CA ASN A 14 -0.55 1.62 5.25
C ASN A 14 -0.86 0.23 4.75
N ASN A 15 0.11 -0.46 4.11
CA ASN A 15 -0.14 -1.83 3.67
C ASN A 15 1.10 -2.68 3.87
N PHE A 16 0.89 -3.99 4.18
CA PHE A 16 2.01 -4.85 4.51
C PHE A 16 3.03 -4.84 3.39
N ARG A 17 4.34 -4.98 3.69
CA ARG A 17 5.32 -5.07 2.60
C ARG A 17 5.10 -6.26 1.71
N LYS A 18 4.48 -7.32 2.26
CA LYS A 18 4.19 -8.49 1.45
C LYS A 18 3.10 -8.16 0.46
N ARG A 19 2.28 -7.11 0.71
CA ARG A 19 1.14 -6.87 -0.16
C ARG A 19 1.65 -6.49 -1.53
N LEU A 20 0.91 -6.89 -2.58
CA LEU A 20 1.25 -6.50 -3.95
C LEU A 20 0.47 -5.27 -4.35
N LYS A 21 -0.72 -5.01 -3.78
CA LYS A 21 -1.46 -3.83 -4.20
C LYS A 21 -2.25 -3.34 -3.02
N CYS A 22 -2.66 -2.07 -3.08
CA CYS A 22 -3.35 -1.51 -1.94
C CYS A 22 -4.64 -2.26 -1.70
N PHE A 23 -4.92 -2.64 -0.44
CA PHE A 23 -6.14 -3.39 -0.13
C PHE A 23 -7.31 -2.47 0.16
N ARG A 24 -7.14 -1.14 -0.05
CA ARG A 24 -8.20 -0.16 0.19
C ARG A 24 -8.64 0.43 -1.13
N CYS A 25 -7.73 1.03 -1.91
CA CYS A 25 -8.10 1.57 -3.20
C CYS A 25 -7.76 0.61 -4.33
N GLY A 26 -6.97 -0.47 -4.12
CA GLY A 26 -6.60 -1.34 -5.24
C GLY A 26 -5.32 -0.91 -5.91
N ALA A 27 -5.04 0.41 -6.00
CA ALA A 27 -3.85 0.87 -6.71
C ALA A 27 -2.57 0.26 -6.17
N ASP A 28 -1.50 0.22 -6.99
CA ASP A 28 -0.24 -0.36 -6.54
C ASP A 28 0.65 0.70 -5.94
N LYS A 29 1.79 0.29 -5.36
CA LYS A 29 2.67 1.22 -4.67
C LYS A 29 3.14 2.27 -5.65
N PHE A 30 3.67 1.85 -6.81
CA PHE A 30 4.17 2.80 -7.81
C PHE A 30 3.15 2.86 -8.93
N ASP A 31 1.85 2.58 -8.65
CA ASP A 31 0.86 2.58 -9.72
C ASP A 31 1.35 1.71 -10.85
N NH2 A 32 1.30 2.08 -12.14
HN1 NH2 A 32 0.91 2.96 -12.42
HN2 NH2 A 32 1.64 1.45 -12.84
ZN ZN B . -4.43 2.79 -1.62
#